data_3UYY
#
_entry.id   3UYY
#
_cell.length_a   56.366
_cell.length_b   90.704
_cell.length_c   155.469
_cell.angle_alpha   90.00
_cell.angle_beta   90.00
_cell.angle_gamma   90.00
#
_symmetry.space_group_name_H-M   'P 21 21 21'
#
loop_
_entity.id
_entity.type
_entity.pdbx_description
1 polymer 'Branched-chain-amino-acid aminotransferase'
2 non-polymer "PYRIDOXAL-5'-PHOSPHATE"
3 water water
#
_entity_poly.entity_id   1
_entity_poly.type   'polypeptide(L)'
_entity_poly.pdbx_seq_one_letter_code
;MRLTILGMTAHDSRPEQAKKLADIDWSTLGFSYIRTDLRYLAHWKDGEWDAGTLTEDNQIHLAEGSTALHYGQQCFEGLK
AYRCADGSINLFRPDQNAARMRMSCRRLLMPELSDEQFIDACLQVVRANEHFLPPYGTGGSLYLRPFVIGVGDNIGVRTA
PEFIFSVFCVPVGPYFKGGLTPTNFITSDYDRAAPHGTGAAKVGGNYAASLLPGYEAKKRDFADVIYLDPATHTTIEEAG
AANFFAITQDGQKFVTPQSPSILPSITKYSLLWLAEHRLGLEVEEGDIRIDELGKFSEAGACGTAAVITPIGGIQHGDDF
HVFYSESEPGPVTRRLYDELVGIQYGDKEAPEGWIVKV
;
_entity_poly.pdbx_strand_id   A,B
#
loop_
_chem_comp.id
_chem_comp.type
_chem_comp.name
_chem_comp.formula
PLP non-polymer PYRIDOXAL-5'-PHOSPHATE 'C8 H10 N O6 P'
#
# COMPACT_ATOMS: atom_id res chain seq x y z
N ILE A 24 4.03 -2.74 -34.59
CA ILE A 24 3.84 -1.27 -34.75
C ILE A 24 2.43 -0.91 -35.25
N ASP A 25 1.51 -1.87 -35.23
CA ASP A 25 0.15 -1.64 -35.72
C ASP A 25 -0.74 -0.84 -34.78
N TRP A 26 -0.73 0.48 -34.94
CA TRP A 26 -1.52 1.37 -34.10
C TRP A 26 -3.02 1.03 -34.11
N SER A 27 -3.44 0.26 -35.10
CA SER A 27 -4.85 -0.12 -35.24
C SER A 27 -5.43 -0.75 -33.97
N THR A 28 -5.17 -2.04 -33.81
CA THR A 28 -5.66 -2.82 -32.68
C THR A 28 -5.07 -2.40 -31.34
N LEU A 29 -3.81 -1.96 -31.36
CA LEU A 29 -3.08 -1.52 -30.17
C LEU A 29 -3.99 -1.17 -29.00
N GLY A 30 -3.65 -1.68 -27.81
CA GLY A 30 -4.44 -1.40 -26.63
C GLY A 30 -3.66 -0.70 -25.54
N PHE A 31 -3.89 -1.09 -24.28
CA PHE A 31 -3.19 -0.49 -23.14
C PHE A 31 -2.38 -1.60 -22.42
N SER A 32 -1.41 -2.17 -23.14
CA SER A 32 -0.57 -3.23 -22.60
C SER A 32 0.86 -2.73 -22.55
N TYR A 33 1.69 -3.38 -21.75
CA TYR A 33 3.07 -2.96 -21.67
C TYR A 33 3.82 -3.36 -22.92
N ILE A 34 4.78 -2.52 -23.31
CA ILE A 34 5.61 -2.76 -24.48
C ILE A 34 6.94 -2.07 -24.16
N ARG A 35 8.04 -2.77 -24.37
CA ARG A 35 9.33 -2.18 -24.06
C ARG A 35 9.83 -1.13 -25.05
N THR A 36 9.74 0.15 -24.68
CA THR A 36 10.23 1.20 -25.57
C THR A 36 11.75 1.30 -25.44
N ASP A 37 12.36 2.13 -26.26
CA ASP A 37 13.81 2.25 -26.28
C ASP A 37 14.52 2.74 -25.02
N LEU A 38 14.04 3.83 -24.44
CA LEU A 38 14.73 4.38 -23.28
C LEU A 38 13.85 4.91 -22.16
N ARG A 39 14.39 4.82 -20.94
CA ARG A 39 13.70 5.30 -19.75
C ARG A 39 14.57 6.37 -19.09
N TYR A 40 13.94 7.21 -18.27
CA TYR A 40 14.65 8.23 -17.53
C TYR A 40 14.89 7.58 -16.15
N LEU A 41 16.07 7.79 -15.58
CA LEU A 41 16.43 7.20 -14.29
C LEU A 41 17.30 8.12 -13.44
N ALA A 42 16.82 8.46 -12.24
CA ALA A 42 17.55 9.33 -11.33
C ALA A 42 17.62 8.75 -9.92
N HIS A 43 18.74 8.98 -9.25
CA HIS A 43 18.97 8.45 -7.91
C HIS A 43 19.00 9.57 -6.89
N TRP A 44 18.49 9.30 -5.70
CA TRP A 44 18.47 10.26 -4.62
C TRP A 44 19.29 9.67 -3.50
N LYS A 45 20.24 10.43 -2.99
CA LYS A 45 21.06 9.93 -1.91
C LYS A 45 21.71 11.09 -1.18
N ASP A 46 22.00 10.87 0.09
CA ASP A 46 22.64 11.88 0.90
C ASP A 46 21.98 13.25 0.79
N GLY A 47 20.65 13.26 0.63
CA GLY A 47 19.93 14.51 0.56
C GLY A 47 19.68 15.22 -0.75
N GLU A 48 20.15 14.69 -1.88
CA GLU A 48 19.92 15.37 -3.15
C GLU A 48 19.76 14.44 -4.35
N TRP A 49 19.01 14.91 -5.35
CA TRP A 49 18.79 14.14 -6.57
C TRP A 49 20.00 14.33 -7.48
N ASP A 50 20.29 13.34 -8.32
CA ASP A 50 21.43 13.46 -9.24
C ASP A 50 20.93 13.95 -10.59
N ALA A 51 21.86 14.24 -11.50
CA ALA A 51 21.49 14.75 -12.81
C ALA A 51 20.43 13.90 -13.50
N GLY A 52 20.50 12.58 -13.31
CA GLY A 52 19.54 11.71 -13.96
C GLY A 52 20.05 11.36 -15.35
N THR A 53 19.60 10.22 -15.90
CA THR A 53 20.06 9.82 -17.23
C THR A 53 19.05 8.94 -17.95
N LEU A 54 19.33 8.66 -19.22
CA LEU A 54 18.45 7.82 -20.02
C LEU A 54 19.12 6.47 -20.12
N THR A 55 18.33 5.40 -19.99
CA THR A 55 18.85 4.05 -20.04
C THR A 55 17.95 3.16 -20.89
N GLU A 56 18.45 1.98 -21.22
CA GLU A 56 17.71 1.03 -22.02
C GLU A 56 17.22 -0.08 -21.11
N ASP A 57 17.93 -0.27 -20.00
CA ASP A 57 17.68 -1.33 -19.00
C ASP A 57 16.25 -1.83 -18.72
N ASN A 58 15.27 -0.94 -18.57
CA ASN A 58 13.88 -1.39 -18.31
C ASN A 58 13.79 -2.44 -17.18
N GLN A 59 14.87 -2.59 -16.43
CA GLN A 59 14.94 -3.51 -15.32
C GLN A 59 15.39 -2.75 -14.09
N ILE A 60 14.60 -2.80 -13.03
CA ILE A 60 14.95 -2.12 -11.80
C ILE A 60 15.66 -3.07 -10.86
N HIS A 61 16.69 -2.56 -10.18
CA HIS A 61 17.47 -3.36 -9.23
C HIS A 61 17.48 -2.64 -7.89
N LEU A 62 17.08 -3.35 -6.84
CA LEU A 62 17.07 -2.76 -5.50
C LEU A 62 17.34 -3.79 -4.41
N ALA A 63 17.85 -3.30 -3.27
CA ALA A 63 18.14 -4.14 -2.11
C ALA A 63 16.90 -4.96 -1.79
N GLU A 64 17.11 -6.16 -1.27
CA GLU A 64 16.03 -7.07 -0.92
C GLU A 64 15.14 -6.51 0.16
N GLY A 65 15.72 -5.65 1.00
CA GLY A 65 14.97 -5.06 2.09
C GLY A 65 14.40 -3.72 1.69
N SER A 66 14.38 -3.43 0.40
CA SER A 66 13.86 -2.17 -0.05
C SER A 66 12.46 -1.87 0.45
N THR A 67 12.36 -0.67 0.99
CA THR A 67 11.14 -0.10 1.54
C THR A 67 9.98 -0.16 0.52
N ALA A 68 10.31 -0.10 -0.76
CA ALA A 68 9.28 -0.14 -1.81
C ALA A 68 8.67 -1.53 -1.96
N LEU A 69 9.44 -2.57 -1.66
CA LEU A 69 8.95 -3.93 -1.79
C LEU A 69 8.18 -4.44 -0.58
N HIS A 70 8.52 -3.92 0.61
CA HIS A 70 7.90 -4.35 1.85
C HIS A 70 6.89 -3.39 2.45
N TYR A 71 7.19 -2.10 2.44
CA TYR A 71 6.31 -1.12 3.08
C TYR A 71 5.52 -0.19 2.17
N GLY A 72 5.42 -0.52 0.90
CA GLY A 72 4.68 0.32 -0.02
C GLY A 72 5.15 1.75 -0.17
N GLN A 73 6.42 2.03 0.10
CA GLN A 73 6.88 3.40 -0.06
C GLN A 73 7.15 3.61 -1.55
N GLN A 74 6.06 3.80 -2.28
CA GLN A 74 6.07 3.99 -3.73
C GLN A 74 4.90 4.89 -4.13
N CYS A 75 5.07 5.62 -5.22
CA CYS A 75 4.00 6.49 -5.72
C CYS A 75 4.26 6.71 -7.21
N PHE A 76 3.22 7.05 -7.96
CA PHE A 76 3.39 7.25 -9.38
C PHE A 76 2.39 8.22 -9.98
N GLU A 77 2.63 8.55 -11.25
CA GLU A 77 1.79 9.47 -11.99
C GLU A 77 1.52 8.87 -13.37
N GLY A 78 0.63 9.50 -14.12
CA GLY A 78 0.31 9.01 -15.44
C GLY A 78 -0.20 10.14 -16.31
N LEU A 79 0.45 10.35 -17.46
CA LEU A 79 0.01 11.40 -18.37
C LEU A 79 0.24 10.95 -19.81
N LYS A 80 -0.36 11.65 -20.76
CA LYS A 80 -0.19 11.27 -22.16
C LYS A 80 0.37 12.36 -23.04
N ALA A 81 1.10 11.93 -24.07
CA ALA A 81 1.66 12.84 -25.06
C ALA A 81 0.88 12.48 -26.32
N TYR A 82 0.60 13.48 -27.14
CA TYR A 82 -0.17 13.22 -28.37
C TYR A 82 0.46 13.86 -29.60
N ARG A 83 0.27 13.24 -30.77
CA ARG A 83 0.78 13.79 -32.01
C ARG A 83 -0.34 14.55 -32.72
N CYS A 84 -0.19 15.87 -32.80
CA CYS A 84 -1.18 16.73 -33.42
C CYS A 84 -1.23 16.65 -34.94
N ALA A 85 -2.26 17.27 -35.50
CA ALA A 85 -2.44 17.28 -36.95
C ALA A 85 -1.33 18.06 -37.64
N ASP A 86 -0.98 19.23 -37.07
CA ASP A 86 0.08 20.06 -37.65
C ASP A 86 1.48 19.49 -37.44
N GLY A 87 1.57 18.25 -36.97
CA GLY A 87 2.86 17.62 -36.77
C GLY A 87 3.57 17.86 -35.45
N SER A 88 3.04 18.76 -34.62
CA SER A 88 3.65 19.02 -33.33
C SER A 88 3.22 17.96 -32.31
N ILE A 89 3.74 18.06 -31.09
CA ILE A 89 3.42 17.10 -30.04
C ILE A 89 2.93 17.78 -28.77
N ASN A 90 1.82 17.29 -28.24
CA ASN A 90 1.22 17.86 -27.05
C ASN A 90 1.39 17.02 -25.78
N LEU A 91 1.81 17.67 -24.71
CA LEU A 91 2.00 17.05 -23.41
C LEU A 91 0.96 17.72 -22.52
N PHE A 92 -0.03 16.96 -22.09
CA PHE A 92 -1.15 17.50 -21.30
C PHE A 92 -0.95 17.83 -19.80
N ARG A 93 -0.96 19.12 -19.50
CA ARG A 93 -0.84 19.62 -18.13
C ARG A 93 0.19 18.89 -17.23
N PRO A 94 1.39 18.65 -17.77
CA PRO A 94 2.46 17.96 -17.05
C PRO A 94 2.66 18.56 -15.67
N ASP A 95 2.54 19.87 -15.60
CA ASP A 95 2.71 20.59 -14.35
C ASP A 95 1.77 20.05 -13.28
N GLN A 96 0.51 19.80 -13.65
CA GLN A 96 -0.48 19.31 -12.70
C GLN A 96 -0.09 17.98 -12.06
N ASN A 97 0.56 17.12 -12.84
CA ASN A 97 1.02 15.82 -12.35
C ASN A 97 2.21 16.02 -11.40
N ALA A 98 3.06 16.98 -11.74
CA ALA A 98 4.23 17.29 -10.93
C ALA A 98 3.78 17.76 -9.56
N ALA A 99 2.75 18.59 -9.53
CA ALA A 99 2.23 19.10 -8.27
C ALA A 99 1.65 17.96 -7.42
N ARG A 100 0.87 17.10 -8.07
CA ARG A 100 0.23 15.97 -7.40
C ARG A 100 1.25 14.95 -6.87
N MET A 101 2.27 14.65 -7.67
CA MET A 101 3.26 13.68 -7.23
C MET A 101 4.03 14.23 -6.03
N ARG A 102 4.12 15.54 -5.94
CA ARG A 102 4.80 16.18 -4.83
C ARG A 102 4.00 15.86 -3.57
N MET A 103 2.67 15.88 -3.69
CA MET A 103 1.82 15.58 -2.54
C MET A 103 1.90 14.09 -2.18
N SER A 104 1.95 13.24 -3.20
CA SER A 104 2.03 11.80 -2.97
C SER A 104 3.31 11.49 -2.21
N CYS A 105 4.42 12.10 -2.66
CA CYS A 105 5.70 11.90 -1.99
C CYS A 105 5.65 12.47 -0.57
N ARG A 106 4.91 13.55 -0.41
CA ARG A 106 4.78 14.19 0.89
C ARG A 106 4.18 13.21 1.88
N ARG A 107 3.05 12.63 1.50
CA ARG A 107 2.33 11.69 2.33
C ARG A 107 3.19 10.49 2.72
N LEU A 108 4.11 10.10 1.84
CA LEU A 108 4.94 8.94 2.13
C LEU A 108 6.37 9.24 2.55
N LEU A 109 6.65 10.48 2.94
CA LEU A 109 7.99 10.83 3.38
C LEU A 109 9.08 10.63 2.34
N MET A 110 8.77 10.85 1.06
CA MET A 110 9.78 10.69 0.01
C MET A 110 10.20 12.08 -0.49
N PRO A 111 11.45 12.21 -0.98
CA PRO A 111 11.86 13.54 -1.46
C PRO A 111 10.98 13.98 -2.63
N GLU A 112 10.78 15.29 -2.76
CA GLU A 112 9.94 15.81 -3.83
C GLU A 112 10.73 16.13 -5.11
N LEU A 113 9.99 16.31 -6.20
CA LEU A 113 10.57 16.64 -7.49
C LEU A 113 9.90 17.92 -7.97
N SER A 114 10.71 18.87 -8.43
CA SER A 114 10.18 20.15 -8.89
C SER A 114 9.59 20.02 -10.28
N ASP A 115 8.71 20.95 -10.64
CA ASP A 115 8.12 20.92 -11.99
C ASP A 115 9.26 20.85 -12.97
N GLU A 116 10.34 21.56 -12.65
CA GLU A 116 11.53 21.59 -13.49
C GLU A 116 12.01 20.18 -13.84
N GLN A 117 12.35 19.40 -12.82
CA GLN A 117 12.86 18.04 -12.99
C GLN A 117 11.82 17.06 -13.55
N PHE A 118 10.60 17.14 -13.05
CA PHE A 118 9.52 16.26 -13.47
C PHE A 118 9.20 16.42 -14.95
N ILE A 119 8.83 17.64 -15.36
CA ILE A 119 8.50 17.91 -16.75
C ILE A 119 9.68 17.58 -17.66
N ASP A 120 10.87 17.98 -17.25
CA ASP A 120 12.08 17.72 -18.02
C ASP A 120 12.27 16.23 -18.33
N ALA A 121 12.07 15.39 -17.33
CA ALA A 121 12.24 13.95 -17.53
C ALA A 121 11.19 13.45 -18.54
N CYS A 122 9.95 13.91 -18.38
CA CYS A 122 8.89 13.50 -19.30
C CYS A 122 9.21 13.93 -20.71
N LEU A 123 9.79 15.12 -20.86
CA LEU A 123 10.16 15.61 -22.19
C LEU A 123 11.28 14.78 -22.76
N GLN A 124 12.31 14.51 -21.99
CA GLN A 124 13.43 13.71 -22.50
C GLN A 124 12.97 12.35 -22.98
N VAL A 125 12.01 11.77 -22.28
CA VAL A 125 11.52 10.45 -22.66
C VAL A 125 10.61 10.47 -23.88
N VAL A 126 9.81 11.51 -24.03
CA VAL A 126 8.94 11.59 -25.20
C VAL A 126 9.79 11.77 -26.46
N ARG A 127 10.80 12.61 -26.39
CA ARG A 127 11.68 12.88 -27.53
C ARG A 127 12.50 11.65 -27.95
N ALA A 128 13.07 10.97 -26.97
CA ALA A 128 13.89 9.80 -27.23
C ALA A 128 13.10 8.61 -27.79
N ASN A 129 11.79 8.60 -27.54
CA ASN A 129 10.92 7.53 -27.99
C ASN A 129 9.85 8.04 -28.96
N GLU A 130 10.10 9.20 -29.56
CA GLU A 130 9.15 9.78 -30.49
C GLU A 130 8.67 8.79 -31.54
N HIS A 131 9.50 7.80 -31.89
CA HIS A 131 9.09 6.84 -32.89
C HIS A 131 8.00 5.89 -32.42
N PHE A 132 7.55 6.09 -31.19
CA PHE A 132 6.47 5.26 -30.65
C PHE A 132 5.19 6.07 -30.48
N LEU A 133 5.26 7.36 -30.80
CA LEU A 133 4.08 8.22 -30.68
C LEU A 133 3.17 7.87 -31.85
N PRO A 134 2.00 7.30 -31.55
CA PRO A 134 1.05 6.93 -32.61
C PRO A 134 0.76 8.10 -33.55
N PRO A 135 0.82 7.86 -34.87
CA PRO A 135 0.57 8.90 -35.88
C PRO A 135 -0.82 9.47 -35.73
N TYR A 136 -0.98 10.75 -36.08
CA TYR A 136 -2.29 11.37 -35.97
C TYR A 136 -3.30 10.61 -36.83
N GLY A 137 -4.52 10.51 -36.34
CA GLY A 137 -5.55 9.79 -37.06
C GLY A 137 -6.09 8.69 -36.18
N THR A 138 -5.19 7.81 -35.72
CA THR A 138 -5.56 6.71 -34.84
C THR A 138 -5.60 7.29 -33.44
N GLY A 139 -6.77 7.25 -32.81
CA GLY A 139 -6.93 7.82 -31.48
C GLY A 139 -6.01 7.34 -30.37
N GLY A 140 -4.77 6.99 -30.71
CA GLY A 140 -3.82 6.53 -29.72
C GLY A 140 -2.90 7.64 -29.21
N SER A 141 -2.03 7.29 -28.25
CA SER A 141 -1.09 8.25 -27.67
C SER A 141 0.06 7.55 -26.94
N LEU A 142 1.01 8.33 -26.46
CA LEU A 142 2.16 7.78 -25.75
C LEU A 142 1.94 7.96 -24.26
N TYR A 143 1.83 6.84 -23.54
CA TYR A 143 1.62 6.88 -22.08
C TYR A 143 2.93 7.01 -21.32
N LEU A 144 2.98 7.93 -20.36
CA LEU A 144 4.17 8.15 -19.55
C LEU A 144 3.89 7.73 -18.12
N ARG A 145 4.75 6.86 -17.59
CA ARG A 145 4.61 6.37 -16.22
C ARG A 145 5.74 6.81 -15.29
N PRO A 146 5.64 8.04 -14.77
CA PRO A 146 6.66 8.57 -13.85
C PRO A 146 6.42 7.94 -12.47
N PHE A 147 7.49 7.61 -11.74
CA PHE A 147 7.30 7.05 -10.41
C PHE A 147 8.51 7.19 -9.50
N VAL A 148 8.25 7.07 -8.20
CA VAL A 148 9.29 7.19 -7.19
C VAL A 148 9.15 6.00 -6.23
N ILE A 149 10.27 5.44 -5.80
CA ILE A 149 10.24 4.31 -4.87
C ILE A 149 11.43 4.36 -3.92
N GLY A 150 11.21 3.85 -2.70
CA GLY A 150 12.26 3.83 -1.69
C GLY A 150 13.18 2.63 -1.84
N VAL A 151 14.49 2.85 -1.76
CA VAL A 151 15.43 1.76 -1.93
C VAL A 151 16.57 1.81 -0.93
N GLY A 152 17.43 0.79 -0.98
CA GLY A 152 18.56 0.72 -0.08
C GLY A 152 18.32 -0.28 1.03
N ASP A 153 19.40 -0.79 1.60
CA ASP A 153 19.26 -1.77 2.67
C ASP A 153 18.32 -1.29 3.76
N ASN A 154 17.54 -2.22 4.33
CA ASN A 154 16.60 -1.86 5.40
C ASN A 154 15.69 -3.01 5.87
N ILE A 155 15.24 -2.94 7.13
CA ILE A 155 14.30 -3.91 7.70
C ILE A 155 13.28 -3.22 8.58
N GLY A 156 13.68 -2.13 9.21
CA GLY A 156 12.77 -1.45 10.09
C GLY A 156 11.73 -0.64 9.34
N VAL A 157 10.61 -0.36 10.00
CA VAL A 157 9.55 0.43 9.42
C VAL A 157 9.92 1.90 9.55
N ARG A 158 10.53 2.43 8.50
CA ARG A 158 10.96 3.82 8.43
C ARG A 158 11.08 4.19 6.95
N THR A 159 11.43 5.44 6.67
CA THR A 159 11.58 5.87 5.29
C THR A 159 12.94 5.36 4.78
N ALA A 160 12.99 5.02 3.49
CA ALA A 160 14.22 4.51 2.88
C ALA A 160 15.36 5.53 2.93
N PRO A 161 16.63 5.05 2.94
CA PRO A 161 17.79 5.94 2.97
C PRO A 161 18.04 6.47 1.59
N GLU A 162 17.50 5.77 0.60
CA GLU A 162 17.67 6.15 -0.81
C GLU A 162 16.37 6.00 -1.59
N PHE A 163 16.29 6.71 -2.72
CA PHE A 163 15.11 6.67 -3.57
C PHE A 163 15.47 6.65 -5.04
N ILE A 164 14.53 6.18 -5.88
CA ILE A 164 14.72 6.13 -7.32
C ILE A 164 13.55 6.81 -8.02
N PHE A 165 13.85 7.64 -9.00
CA PHE A 165 12.81 8.32 -9.77
C PHE A 165 12.99 7.85 -11.21
N SER A 166 11.92 7.35 -11.81
CA SER A 166 12.01 6.87 -13.18
C SER A 166 10.77 7.22 -14.00
N VAL A 167 10.96 7.31 -15.31
CA VAL A 167 9.88 7.62 -16.22
C VAL A 167 10.06 6.78 -17.47
N PHE A 168 9.05 5.99 -17.78
CA PHE A 168 9.12 5.15 -18.97
C PHE A 168 7.82 5.34 -19.68
N CYS A 169 7.80 5.04 -20.97
CA CYS A 169 6.60 5.22 -21.76
C CYS A 169 6.27 3.98 -22.56
N VAL A 170 4.99 3.84 -22.85
CA VAL A 170 4.50 2.73 -23.64
C VAL A 170 3.38 3.23 -24.55
N PRO A 171 3.49 2.96 -25.86
CA PRO A 171 2.48 3.40 -26.83
C PRO A 171 1.19 2.65 -26.61
N VAL A 172 0.11 3.40 -26.40
CA VAL A 172 -1.20 2.80 -26.18
C VAL A 172 -2.13 3.20 -27.31
N GLY A 173 -3.16 2.41 -27.54
CA GLY A 173 -4.08 2.73 -28.62
C GLY A 173 -5.37 3.34 -28.13
N PRO A 174 -6.33 3.57 -29.04
CA PRO A 174 -7.61 4.16 -28.63
C PRO A 174 -8.33 3.25 -27.63
N TYR A 175 -8.68 3.81 -26.48
CA TYR A 175 -9.38 3.06 -25.43
C TYR A 175 -10.70 2.52 -25.98
N PHE A 176 -11.46 3.38 -26.65
CA PHE A 176 -12.72 2.98 -27.24
C PHE A 176 -12.46 2.67 -28.71
N LYS A 177 -12.18 1.41 -29.01
CA LYS A 177 -11.91 1.01 -30.37
C LYS A 177 -13.22 0.94 -31.16
N GLY A 178 -14.21 1.71 -30.70
CA GLY A 178 -15.51 1.75 -31.35
C GLY A 178 -16.24 3.06 -31.12
N GLY A 179 -15.98 3.72 -29.99
CA GLY A 179 -16.63 4.97 -29.67
C GLY A 179 -17.00 4.99 -28.21
N LEU A 180 -17.51 6.11 -27.70
CA LEU A 180 -17.88 6.17 -26.28
C LEU A 180 -18.93 5.11 -25.96
N THR A 181 -18.49 3.90 -25.65
CA THR A 181 -19.42 2.85 -25.31
C THR A 181 -19.54 2.74 -23.79
N PRO A 182 -20.74 3.02 -23.26
CA PRO A 182 -20.98 2.97 -21.81
C PRO A 182 -20.86 1.57 -21.22
N THR A 183 -20.54 1.53 -19.92
CA THR A 183 -20.39 0.28 -19.18
C THR A 183 -20.98 0.47 -17.79
N ASN A 184 -21.24 -0.63 -17.10
CA ASN A 184 -21.82 -0.54 -15.77
C ASN A 184 -20.85 -0.79 -14.63
N PHE A 185 -21.20 -0.26 -13.47
CA PHE A 185 -20.40 -0.39 -12.26
C PHE A 185 -21.26 -0.90 -11.12
N ILE A 186 -20.62 -1.43 -10.10
CA ILE A 186 -21.33 -1.98 -8.95
C ILE A 186 -20.72 -1.52 -7.63
N THR A 187 -21.55 -1.42 -6.59
CA THR A 187 -21.08 -0.99 -5.28
C THR A 187 -20.40 -2.14 -4.53
N SER A 188 -19.50 -1.79 -3.62
CA SER A 188 -18.75 -2.78 -2.84
C SER A 188 -18.68 -2.45 -1.35
N ASP A 189 -18.52 -3.47 -0.52
CA ASP A 189 -18.42 -3.27 0.92
C ASP A 189 -16.97 -3.05 1.32
N TYR A 190 -16.05 -3.24 0.37
CA TYR A 190 -14.62 -3.05 0.61
C TYR A 190 -14.19 -1.60 0.37
N ASP A 191 -13.15 -1.19 1.08
CA ASP A 191 -12.63 0.16 0.93
C ASP A 191 -11.27 0.13 0.24
N ARG A 192 -10.99 1.17 -0.51
CA ARG A 192 -9.71 1.31 -1.23
C ARG A 192 -8.83 2.27 -0.44
N ALA A 193 -9.46 3.03 0.44
CA ALA A 193 -8.75 4.00 1.26
C ALA A 193 -9.49 4.24 2.57
N ALA A 194 -8.74 4.57 3.62
CA ALA A 194 -9.36 4.86 4.91
C ALA A 194 -9.80 6.33 4.87
N PRO A 195 -10.63 6.77 5.82
CA PRO A 195 -11.07 8.17 5.79
C PRO A 195 -9.90 9.15 5.78
N HIS A 196 -8.87 8.83 6.55
CA HIS A 196 -7.70 9.68 6.64
C HIS A 196 -6.44 8.85 6.34
N GLY A 197 -6.50 8.13 5.23
CA GLY A 197 -5.39 7.31 4.80
C GLY A 197 -4.65 7.98 3.65
N THR A 198 -4.27 7.19 2.66
CA THR A 198 -3.51 7.67 1.51
C THR A 198 -4.38 7.91 0.28
N GLY A 199 -5.69 7.88 0.47
CA GLY A 199 -6.61 8.08 -0.65
C GLY A 199 -6.35 9.28 -1.55
N ALA A 200 -5.93 10.41 -1.01
CA ALA A 200 -5.66 11.59 -1.84
C ALA A 200 -4.31 11.49 -2.56
N ALA A 201 -3.49 10.51 -2.16
CA ALA A 201 -2.18 10.29 -2.78
C ALA A 201 -2.26 9.12 -3.77
N LYS A 202 -1.49 9.19 -4.84
CA LYS A 202 -1.49 8.13 -5.84
C LYS A 202 -0.39 7.14 -5.46
N VAL A 203 -0.69 6.34 -4.44
CA VAL A 203 0.27 5.36 -3.94
C VAL A 203 -0.21 3.94 -4.10
N GLY A 204 0.74 3.04 -4.37
CA GLY A 204 0.43 1.63 -4.58
C GLY A 204 -0.53 0.98 -3.61
N GLY A 205 -0.39 1.33 -2.34
CA GLY A 205 -1.27 0.75 -1.33
C GLY A 205 -2.75 0.81 -1.68
N ASN A 206 -3.21 1.93 -2.24
CA ASN A 206 -4.62 2.09 -2.61
C ASN A 206 -5.06 1.13 -3.71
N TYR A 207 -4.17 0.86 -4.66
CA TYR A 207 -4.54 -0.03 -5.75
C TYR A 207 -4.57 -1.50 -5.33
N ALA A 208 -3.67 -1.87 -4.42
CA ALA A 208 -3.60 -3.23 -3.94
C ALA A 208 -4.88 -3.56 -3.18
N ALA A 209 -5.41 -2.55 -2.46
CA ALA A 209 -6.63 -2.72 -1.70
C ALA A 209 -7.87 -2.88 -2.58
N SER A 210 -7.81 -2.32 -3.78
CA SER A 210 -8.93 -2.36 -4.72
C SER A 210 -8.87 -3.57 -5.62
N LEU A 211 -7.70 -4.19 -5.64
CA LEU A 211 -7.44 -5.35 -6.45
C LEU A 211 -8.48 -6.48 -6.32
N LEU A 212 -8.74 -6.90 -5.09
CA LEU A 212 -9.70 -7.98 -4.84
C LEU A 212 -11.13 -7.59 -5.20
N PRO A 213 -11.61 -6.44 -4.69
CA PRO A 213 -12.98 -6.04 -5.04
C PRO A 213 -13.13 -5.80 -6.54
N GLY A 214 -12.04 -5.40 -7.19
CA GLY A 214 -12.08 -5.18 -8.62
C GLY A 214 -12.22 -6.48 -9.38
N TYR A 215 -11.62 -7.56 -8.85
CA TYR A 215 -11.68 -8.88 -9.48
C TYR A 215 -13.11 -9.43 -9.40
N GLU A 216 -13.77 -9.18 -8.29
CA GLU A 216 -15.13 -9.67 -8.08
C GLU A 216 -16.12 -8.94 -8.99
N ALA A 217 -15.91 -7.64 -9.18
CA ALA A 217 -16.79 -6.85 -10.03
C ALA A 217 -16.67 -7.31 -11.49
N LYS A 218 -15.43 -7.37 -11.99
CA LYS A 218 -15.22 -7.80 -13.36
C LYS A 218 -15.83 -9.19 -13.54
N LYS A 219 -15.59 -10.07 -12.58
CA LYS A 219 -16.13 -11.43 -12.66
C LYS A 219 -17.63 -11.41 -12.87
N ARG A 220 -18.35 -10.67 -12.03
CA ARG A 220 -19.80 -10.58 -12.13
C ARG A 220 -20.21 -9.67 -13.30
N ASP A 221 -19.37 -9.68 -14.34
CA ASP A 221 -19.60 -8.89 -15.55
C ASP A 221 -19.98 -7.43 -15.33
N PHE A 222 -19.02 -6.66 -14.82
CA PHE A 222 -19.15 -5.22 -14.58
C PHE A 222 -17.83 -4.60 -14.98
N ALA A 223 -17.85 -3.31 -15.30
CA ALA A 223 -16.64 -2.62 -15.70
C ALA A 223 -15.66 -2.55 -14.55
N ASP A 224 -16.16 -2.17 -13.39
CA ASP A 224 -15.33 -2.04 -12.21
C ASP A 224 -16.25 -1.86 -11.02
N VAL A 225 -15.78 -1.16 -10.01
CA VAL A 225 -16.59 -0.93 -8.82
C VAL A 225 -16.54 0.54 -8.42
N ILE A 226 -17.59 0.98 -7.74
CA ILE A 226 -17.65 2.34 -7.25
C ILE A 226 -17.57 2.29 -5.74
N TYR A 227 -16.54 2.91 -5.19
CA TYR A 227 -16.35 2.93 -3.74
C TYR A 227 -17.19 4.07 -3.19
N LEU A 228 -17.92 3.80 -2.11
CA LEU A 228 -18.80 4.81 -1.54
C LEU A 228 -18.10 5.83 -0.67
N ASP A 229 -17.59 5.41 0.48
CA ASP A 229 -16.87 6.30 1.39
C ASP A 229 -16.59 5.57 2.69
N PRO A 230 -15.33 5.57 3.12
CA PRO A 230 -14.88 4.90 4.34
C PRO A 230 -15.82 4.99 5.52
N ALA A 231 -15.96 6.19 6.07
CA ALA A 231 -16.81 6.42 7.25
C ALA A 231 -18.11 5.63 7.22
N THR A 232 -19.04 6.05 6.37
CA THR A 232 -20.32 5.39 6.24
C THR A 232 -20.76 5.42 4.79
N HIS A 233 -20.76 4.27 4.17
CA HIS A 233 -21.12 4.12 2.76
C HIS A 233 -22.46 4.74 2.36
N THR A 234 -22.48 6.06 2.22
CA THR A 234 -23.70 6.77 1.82
C THR A 234 -23.47 7.67 0.61
N THR A 235 -22.27 8.26 0.54
CA THR A 235 -21.90 9.16 -0.55
C THR A 235 -20.93 8.47 -1.50
N ILE A 236 -20.93 8.86 -2.77
CA ILE A 236 -20.02 8.24 -3.72
C ILE A 236 -18.64 8.90 -3.65
N GLU A 237 -17.60 8.08 -3.76
CA GLU A 237 -16.20 8.53 -3.73
C GLU A 237 -15.61 8.53 -5.14
N GLU A 238 -15.09 7.38 -5.54
CA GLU A 238 -14.49 7.21 -6.85
C GLU A 238 -15.05 5.97 -7.50
N ALA A 239 -14.89 5.89 -8.82
CA ALA A 239 -15.39 4.74 -9.56
C ALA A 239 -14.22 3.86 -9.96
N GLY A 240 -13.54 3.29 -8.97
CA GLY A 240 -12.41 2.44 -9.23
C GLY A 240 -11.18 3.31 -9.44
N ALA A 241 -10.47 3.09 -10.54
CA ALA A 241 -9.27 3.87 -10.84
C ALA A 241 -9.61 5.05 -11.77
N ALA A 242 -10.55 5.89 -11.34
CA ALA A 242 -10.99 7.06 -12.12
C ALA A 242 -12.07 7.83 -11.35
N ASN A 243 -12.10 9.15 -11.47
CA ASN A 243 -13.11 9.95 -10.76
C ASN A 243 -14.53 9.80 -11.34
N PHE A 244 -15.51 10.22 -10.56
CA PHE A 244 -16.92 10.13 -10.92
C PHE A 244 -17.63 11.48 -10.97
N PHE A 245 -18.48 11.66 -11.98
CA PHE A 245 -19.24 12.90 -12.12
C PHE A 245 -20.64 12.60 -12.65
N ALA A 246 -21.55 13.54 -12.43
CA ALA A 246 -22.92 13.37 -12.90
C ALA A 246 -23.55 14.69 -13.35
N ILE A 247 -24.30 14.64 -14.44
CA ILE A 247 -24.99 15.82 -14.92
C ILE A 247 -26.40 15.72 -14.36
N THR A 248 -26.95 16.83 -13.88
CA THR A 248 -28.30 16.83 -13.31
C THR A 248 -29.39 16.60 -14.36
N GLN A 249 -30.60 16.27 -13.93
CA GLN A 249 -31.70 16.03 -14.86
C GLN A 249 -31.80 17.16 -15.89
N ASP A 250 -32.00 18.38 -15.40
CA ASP A 250 -32.11 19.54 -16.27
C ASP A 250 -30.92 19.70 -17.21
N GLY A 251 -29.91 18.85 -17.04
CA GLY A 251 -28.73 18.91 -17.90
C GLY A 251 -27.92 20.20 -17.84
N GLN A 252 -28.05 20.93 -16.74
CA GLN A 252 -27.32 22.19 -16.59
C GLN A 252 -26.19 22.20 -15.56
N LYS A 253 -26.32 21.38 -14.50
CA LYS A 253 -25.30 21.35 -13.45
C LYS A 253 -24.42 20.10 -13.39
N PHE A 254 -23.11 20.34 -13.39
CA PHE A 254 -22.06 19.31 -13.36
C PHE A 254 -21.68 18.99 -11.89
N VAL A 255 -21.77 17.73 -11.50
CA VAL A 255 -21.46 17.37 -10.11
C VAL A 255 -20.42 16.27 -9.90
N THR A 256 -19.47 16.55 -9.01
CA THR A 256 -18.40 15.62 -8.67
C THR A 256 -18.27 15.58 -7.16
N PRO A 257 -17.95 14.40 -6.61
CA PRO A 257 -17.82 14.33 -5.15
C PRO A 257 -16.59 15.05 -4.62
N GLN A 258 -16.72 15.63 -3.43
CA GLN A 258 -15.61 16.31 -2.79
C GLN A 258 -15.32 15.51 -1.53
N SER A 259 -14.06 15.16 -1.32
CA SER A 259 -13.68 14.38 -0.14
C SER A 259 -12.17 14.25 -0.01
N PRO A 260 -11.66 14.26 1.23
CA PRO A 260 -10.22 14.14 1.49
C PRO A 260 -9.63 12.77 1.16
N SER A 261 -10.50 11.79 0.93
CA SER A 261 -10.03 10.43 0.65
C SER A 261 -9.99 10.02 -0.82
N ILE A 262 -10.39 10.91 -1.72
CA ILE A 262 -10.35 10.56 -3.14
C ILE A 262 -9.20 11.23 -3.86
N LEU A 263 -8.77 10.62 -4.95
CA LEU A 263 -7.66 11.17 -5.72
C LEU A 263 -8.09 12.38 -6.52
N PRO A 264 -7.32 13.48 -6.45
CA PRO A 264 -7.66 14.68 -7.21
C PRO A 264 -7.35 14.44 -8.69
N SER A 265 -8.35 13.94 -9.41
CA SER A 265 -8.20 13.65 -10.83
C SER A 265 -7.89 14.90 -11.64
N ILE A 266 -6.84 14.86 -12.44
CA ILE A 266 -6.51 16.03 -13.24
C ILE A 266 -7.55 16.15 -14.36
N THR A 267 -8.09 15.01 -14.77
CA THR A 267 -9.11 14.97 -15.82
C THR A 267 -10.40 15.52 -15.23
N LYS A 268 -10.69 15.16 -13.99
CA LYS A 268 -11.87 15.64 -13.32
C LYS A 268 -11.83 17.17 -13.25
N TYR A 269 -10.72 17.70 -12.74
CA TYR A 269 -10.59 19.16 -12.64
C TYR A 269 -10.64 19.86 -13.99
N SER A 270 -10.13 19.19 -15.03
CA SER A 270 -10.16 19.77 -16.36
C SER A 270 -11.60 19.73 -16.89
N LEU A 271 -12.31 18.66 -16.59
CA LEU A 271 -13.70 18.52 -17.03
C LEU A 271 -14.52 19.50 -16.21
N LEU A 272 -14.00 19.86 -15.04
CA LEU A 272 -14.69 20.77 -14.16
C LEU A 272 -14.57 22.17 -14.75
N TRP A 273 -13.48 22.40 -15.47
CA TRP A 273 -13.22 23.68 -16.09
C TRP A 273 -13.99 23.79 -17.41
N LEU A 274 -13.86 22.77 -18.27
CA LEU A 274 -14.55 22.76 -19.55
C LEU A 274 -16.05 22.92 -19.44
N ALA A 275 -16.62 22.54 -18.29
CA ALA A 275 -18.05 22.64 -18.12
C ALA A 275 -18.51 24.07 -17.86
N GLU A 276 -17.69 24.83 -17.13
CA GLU A 276 -18.03 26.21 -16.81
C GLU A 276 -17.58 27.22 -17.85
N HIS A 277 -16.39 27.03 -18.42
CA HIS A 277 -15.89 27.97 -19.41
C HIS A 277 -15.95 27.53 -20.87
N ARG A 278 -16.79 26.55 -21.17
CA ARG A 278 -16.91 26.06 -22.55
C ARG A 278 -18.28 25.44 -22.82
N LEU A 279 -19.09 25.29 -21.77
CA LEU A 279 -20.42 24.72 -21.88
C LEU A 279 -21.42 25.43 -20.97
N GLY A 280 -21.10 26.67 -20.62
CA GLY A 280 -21.98 27.46 -19.76
C GLY A 280 -22.84 26.67 -18.78
N LEU A 281 -22.27 25.60 -18.21
CA LEU A 281 -22.99 24.77 -17.26
C LEU A 281 -22.70 25.14 -15.82
N GLU A 282 -23.63 24.81 -14.94
CA GLU A 282 -23.46 25.04 -13.52
C GLU A 282 -22.46 23.98 -13.08
N VAL A 283 -21.70 24.28 -12.04
CA VAL A 283 -20.72 23.33 -11.54
C VAL A 283 -20.80 23.26 -10.04
N GLU A 284 -20.57 22.07 -9.48
CA GLU A 284 -20.62 21.91 -8.03
C GLU A 284 -19.81 20.71 -7.52
N GLU A 285 -19.00 20.95 -6.48
CA GLU A 285 -18.21 19.90 -5.87
C GLU A 285 -18.84 19.64 -4.52
N GLY A 286 -19.53 18.52 -4.41
CA GLY A 286 -20.19 18.19 -3.15
C GLY A 286 -20.56 16.73 -3.05
N ASP A 287 -21.44 16.40 -2.12
CA ASP A 287 -21.85 15.02 -1.91
C ASP A 287 -22.78 14.47 -2.97
N ILE A 288 -22.64 13.18 -3.25
CA ILE A 288 -23.46 12.48 -4.22
C ILE A 288 -23.90 11.15 -3.59
N ARG A 289 -24.95 11.21 -2.80
CA ARG A 289 -25.48 10.04 -2.11
C ARG A 289 -25.91 8.96 -3.12
N ILE A 290 -25.73 7.68 -2.77
CA ILE A 290 -26.15 6.60 -3.67
C ILE A 290 -27.64 6.32 -3.50
N ASP A 291 -28.33 7.20 -2.79
CA ASP A 291 -29.76 7.05 -2.59
C ASP A 291 -30.44 7.73 -3.76
N GLU A 292 -30.04 8.98 -4.01
CA GLU A 292 -30.62 9.78 -5.06
C GLU A 292 -29.85 9.89 -6.37
N LEU A 293 -29.73 8.76 -7.08
CA LEU A 293 -29.05 8.73 -8.37
C LEU A 293 -29.99 9.22 -9.47
N GLY A 294 -31.30 9.09 -9.22
CA GLY A 294 -32.31 9.52 -10.19
C GLY A 294 -32.39 11.03 -10.28
N LYS A 295 -31.46 11.68 -9.60
CA LYS A 295 -31.38 13.13 -9.55
C LYS A 295 -30.53 13.62 -10.73
N PHE A 296 -29.94 12.70 -11.47
CA PHE A 296 -29.07 13.04 -12.60
C PHE A 296 -29.51 12.35 -13.86
N SER A 297 -29.28 13.01 -14.99
CA SER A 297 -29.66 12.48 -16.29
C SER A 297 -28.59 11.58 -16.89
N GLU A 298 -27.33 11.82 -16.52
CA GLU A 298 -26.23 11.01 -17.02
C GLU A 298 -25.04 11.05 -16.07
N ALA A 299 -24.24 10.00 -16.06
CA ALA A 299 -23.09 9.95 -15.17
C ALA A 299 -21.87 9.34 -15.85
N GLY A 300 -20.69 9.69 -15.34
CA GLY A 300 -19.47 9.16 -15.94
C GLY A 300 -18.27 9.03 -15.01
N ALA A 301 -17.24 8.35 -15.51
CA ALA A 301 -16.01 8.13 -14.77
C ALA A 301 -14.89 8.70 -15.63
N CYS A 302 -14.08 9.61 -15.10
CA CYS A 302 -13.01 10.19 -15.89
C CYS A 302 -11.61 9.93 -15.36
N GLY A 303 -10.64 9.91 -16.28
CA GLY A 303 -9.25 9.66 -15.93
C GLY A 303 -8.37 9.74 -17.16
N THR A 304 -7.05 9.71 -16.99
CA THR A 304 -6.13 9.82 -18.12
C THR A 304 -6.28 8.67 -19.11
N ALA A 305 -6.42 7.45 -18.59
CA ALA A 305 -6.59 6.27 -19.42
C ALA A 305 -8.06 6.16 -19.81
N ALA A 306 -8.92 6.31 -18.81
CA ALA A 306 -10.36 6.24 -18.99
C ALA A 306 -10.86 7.31 -19.94
N VAL A 307 -10.54 8.57 -19.64
CA VAL A 307 -10.97 9.71 -20.46
C VAL A 307 -12.48 9.63 -20.57
N ILE A 308 -13.15 9.73 -19.44
CA ILE A 308 -14.61 9.64 -19.40
C ILE A 308 -15.13 8.30 -19.92
N THR A 309 -15.65 7.51 -18.99
CA THR A 309 -16.26 6.24 -19.33
C THR A 309 -17.72 6.50 -18.97
N PRO A 310 -18.60 6.53 -19.97
CA PRO A 310 -20.00 6.78 -19.67
C PRO A 310 -20.56 5.65 -18.80
N ILE A 311 -21.27 6.00 -17.73
CA ILE A 311 -21.85 5.01 -16.83
C ILE A 311 -23.28 4.62 -17.20
N GLY A 312 -23.42 3.48 -17.86
CA GLY A 312 -24.74 3.00 -18.26
C GLY A 312 -25.67 2.84 -17.07
N GLY A 313 -25.17 2.27 -15.99
CA GLY A 313 -25.97 2.08 -14.80
C GLY A 313 -25.16 1.60 -13.61
N ILE A 314 -25.67 1.87 -12.41
CA ILE A 314 -24.97 1.45 -11.19
C ILE A 314 -25.77 0.47 -10.36
N GLN A 315 -25.15 -0.67 -10.07
CA GLN A 315 -25.77 -1.72 -9.28
C GLN A 315 -25.43 -1.55 -7.79
N HIS A 316 -26.46 -1.30 -6.98
CA HIS A 316 -26.27 -1.10 -5.54
C HIS A 316 -27.32 -1.91 -4.79
N GLY A 317 -26.90 -3.06 -4.26
CA GLY A 317 -27.84 -3.92 -3.55
C GLY A 317 -28.57 -4.78 -4.56
N ASP A 318 -29.87 -4.95 -4.36
CA ASP A 318 -30.66 -5.76 -5.27
C ASP A 318 -31.30 -4.99 -6.42
N ASP A 319 -30.93 -3.71 -6.59
CA ASP A 319 -31.52 -2.95 -7.67
C ASP A 319 -30.53 -2.21 -8.54
N PHE A 320 -30.77 -2.29 -9.84
CA PHE A 320 -29.95 -1.64 -10.85
C PHE A 320 -30.48 -0.23 -11.00
N HIS A 321 -29.76 0.64 -11.69
CA HIS A 321 -30.21 2.00 -11.90
C HIS A 321 -29.50 2.62 -13.09
N VAL A 322 -30.24 2.84 -14.17
CA VAL A 322 -29.69 3.43 -15.38
C VAL A 322 -30.00 4.91 -15.37
N PHE A 323 -29.08 5.72 -15.89
CA PHE A 323 -29.27 7.17 -15.92
C PHE A 323 -29.93 7.68 -17.20
N TYR A 324 -29.25 7.50 -18.32
CA TYR A 324 -29.73 7.95 -19.61
C TYR A 324 -29.95 6.73 -20.51
N SER A 325 -28.88 6.00 -20.75
CA SER A 325 -28.94 4.81 -21.59
C SER A 325 -27.86 3.85 -21.12
N GLU A 326 -27.90 2.63 -21.64
CA GLU A 326 -26.92 1.62 -21.27
C GLU A 326 -26.08 1.22 -22.48
N SER A 327 -26.31 1.91 -23.59
CA SER A 327 -25.59 1.66 -24.84
C SER A 327 -25.23 2.99 -25.50
N GLU A 328 -25.80 4.06 -24.96
CA GLU A 328 -25.56 5.40 -25.48
C GLU A 328 -25.15 6.43 -24.42
N PRO A 329 -24.11 7.24 -24.73
CA PRO A 329 -23.60 8.28 -23.83
C PRO A 329 -24.60 9.41 -23.89
N GLY A 330 -24.76 10.14 -22.80
CA GLY A 330 -25.67 11.26 -22.81
C GLY A 330 -25.01 12.37 -23.62
N PRO A 331 -25.77 13.42 -23.99
CA PRO A 331 -25.25 14.55 -24.77
C PRO A 331 -24.14 15.33 -24.07
N VAL A 332 -24.45 15.86 -22.89
CA VAL A 332 -23.46 16.63 -22.14
C VAL A 332 -22.17 15.84 -21.98
N THR A 333 -22.29 14.54 -21.71
CA THR A 333 -21.12 13.70 -21.55
C THR A 333 -20.32 13.66 -22.84
N ARG A 334 -21.01 13.46 -23.95
CA ARG A 334 -20.31 13.41 -25.24
C ARG A 334 -19.63 14.73 -25.54
N ARG A 335 -20.27 15.84 -25.18
CA ARG A 335 -19.69 17.15 -25.42
C ARG A 335 -18.42 17.34 -24.62
N LEU A 336 -18.47 16.92 -23.35
CA LEU A 336 -17.30 17.00 -22.50
C LEU A 336 -16.20 16.13 -23.13
N TYR A 337 -16.56 14.92 -23.51
CA TYR A 337 -15.58 14.01 -24.10
C TYR A 337 -14.90 14.60 -25.32
N ASP A 338 -15.68 15.19 -26.22
CA ASP A 338 -15.11 15.76 -27.44
C ASP A 338 -14.30 17.04 -27.24
N GLU A 339 -14.68 17.84 -26.24
CA GLU A 339 -13.98 19.09 -25.96
C GLU A 339 -12.58 18.80 -25.44
N LEU A 340 -12.49 17.88 -24.48
CA LEU A 340 -11.22 17.51 -23.90
C LEU A 340 -10.31 16.88 -24.95
N VAL A 341 -10.83 15.86 -25.63
CA VAL A 341 -10.06 15.16 -26.66
C VAL A 341 -9.61 16.15 -27.73
N GLY A 342 -10.39 17.21 -27.89
CA GLY A 342 -10.05 18.23 -28.87
C GLY A 342 -8.78 18.90 -28.39
N ILE A 343 -8.85 19.44 -27.18
CA ILE A 343 -7.71 20.13 -26.59
C ILE A 343 -6.48 19.23 -26.57
N GLN A 344 -6.66 17.98 -26.17
CA GLN A 344 -5.54 17.05 -26.10
C GLN A 344 -4.80 16.92 -27.42
N TYR A 345 -5.54 16.69 -28.50
CA TYR A 345 -4.91 16.54 -29.80
C TYR A 345 -4.65 17.83 -30.56
N GLY A 346 -5.19 18.93 -30.07
CA GLY A 346 -4.98 20.21 -30.72
C GLY A 346 -6.04 20.66 -31.70
N ASP A 347 -7.06 19.84 -31.93
CA ASP A 347 -8.12 20.23 -32.86
C ASP A 347 -9.09 21.22 -32.23
N LYS A 348 -8.65 21.82 -31.12
CA LYS A 348 -9.43 22.81 -30.42
C LYS A 348 -8.47 23.69 -29.63
N GLU A 349 -8.77 24.97 -29.52
CA GLU A 349 -7.93 25.90 -28.79
C GLU A 349 -7.73 25.35 -27.38
N ALA A 350 -6.48 25.31 -26.95
CA ALA A 350 -6.16 24.83 -25.63
C ALA A 350 -6.18 26.00 -24.65
N PRO A 351 -6.75 25.77 -23.46
CA PRO A 351 -6.84 26.81 -22.43
C PRO A 351 -5.45 27.31 -22.03
N GLU A 352 -5.37 28.53 -21.49
CA GLU A 352 -4.11 29.11 -21.07
C GLU A 352 -3.48 28.26 -19.98
N GLY A 353 -2.28 27.74 -20.24
CA GLY A 353 -1.61 26.92 -19.23
C GLY A 353 -1.48 25.46 -19.62
N TRP A 354 -2.61 24.82 -19.87
CA TRP A 354 -2.63 23.41 -20.25
C TRP A 354 -1.73 23.24 -21.46
N ILE A 355 -1.50 21.99 -21.83
CA ILE A 355 -0.72 21.63 -23.01
C ILE A 355 0.65 22.31 -23.20
N VAL A 356 1.69 21.48 -23.17
CA VAL A 356 3.08 21.90 -23.36
C VAL A 356 3.61 21.28 -24.65
N LYS A 357 4.24 22.07 -25.50
CA LYS A 357 4.79 21.55 -26.77
C LYS A 357 6.11 20.83 -26.53
N VAL A 358 6.28 19.68 -27.18
CA VAL A 358 7.50 18.89 -27.02
C VAL A 358 8.53 19.16 -28.12
N ALA B 22 30.41 -14.82 11.44
CA ALA B 22 31.04 -13.56 10.94
C ALA B 22 31.18 -12.58 12.10
N ASP B 23 32.32 -11.88 12.14
CA ASP B 23 32.57 -10.92 13.20
C ASP B 23 31.41 -9.95 13.38
N ILE B 24 30.69 -10.10 14.48
CA ILE B 24 29.56 -9.23 14.79
C ILE B 24 29.53 -8.94 16.29
N ASP B 25 29.46 -7.66 16.63
CA ASP B 25 29.43 -7.28 18.05
C ASP B 25 28.05 -7.59 18.64
N TRP B 26 27.88 -8.79 19.16
CA TRP B 26 26.61 -9.20 19.75
C TRP B 26 26.07 -8.20 20.78
N SER B 27 26.96 -7.51 21.48
CA SER B 27 26.53 -6.54 22.49
C SER B 27 25.93 -5.25 21.90
N THR B 28 26.36 -4.90 20.69
CA THR B 28 25.88 -3.69 20.02
C THR B 28 24.57 -3.91 19.25
N LEU B 29 24.40 -5.11 18.72
CA LEU B 29 23.24 -5.49 17.94
C LEU B 29 21.93 -4.81 18.28
N GLY B 30 21.34 -4.20 17.26
CA GLY B 30 20.07 -3.52 17.39
C GLY B 30 19.13 -4.21 16.42
N PHE B 31 18.33 -3.43 15.70
CA PHE B 31 17.40 -3.99 14.72
C PHE B 31 17.70 -3.22 13.43
N SER B 32 18.74 -3.65 12.73
CA SER B 32 19.16 -2.99 11.51
C SER B 32 19.65 -3.97 10.44
N TYR B 33 19.46 -3.62 9.17
CA TYR B 33 19.87 -4.51 8.09
C TYR B 33 21.36 -4.83 8.07
N ILE B 34 21.65 -6.12 7.96
CA ILE B 34 23.01 -6.62 7.89
C ILE B 34 22.97 -7.73 6.86
N ARG B 35 23.83 -7.64 5.84
CA ARG B 35 23.86 -8.64 4.78
C ARG B 35 24.35 -10.02 5.27
N THR B 36 23.44 -10.99 5.32
CA THR B 36 23.83 -12.33 5.73
C THR B 36 24.27 -13.04 4.44
N ASP B 37 24.81 -14.26 4.56
CA ASP B 37 25.32 -14.98 3.39
C ASP B 37 24.37 -15.40 2.29
N LEU B 38 23.32 -16.15 2.63
CA LEU B 38 22.39 -16.67 1.63
C LEU B 38 20.89 -16.43 1.90
N ARG B 39 20.12 -16.26 0.83
CA ARG B 39 18.67 -16.06 0.88
C ARG B 39 18.03 -17.11 -0.03
N TYR B 40 16.75 -17.38 0.22
CA TYR B 40 16.00 -18.33 -0.58
C TYR B 40 15.25 -17.49 -1.61
N LEU B 41 15.06 -18.04 -2.80
CA LEU B 41 14.37 -17.35 -3.87
C LEU B 41 13.61 -18.34 -4.71
N ALA B 42 12.35 -18.03 -4.97
CA ALA B 42 11.51 -18.88 -5.78
C ALA B 42 10.74 -18.01 -6.76
N HIS B 43 10.49 -18.54 -7.95
CA HIS B 43 9.76 -17.83 -8.98
C HIS B 43 8.46 -18.56 -9.27
N TRP B 44 7.42 -17.79 -9.57
CA TRP B 44 6.13 -18.37 -9.93
C TRP B 44 5.88 -18.02 -11.38
N LYS B 45 5.70 -19.05 -12.20
CA LYS B 45 5.47 -18.87 -13.62
C LYS B 45 4.47 -19.91 -14.11
N ASP B 46 3.62 -19.48 -15.02
CA ASP B 46 2.63 -20.35 -15.62
C ASP B 46 1.90 -21.24 -14.61
N GLY B 47 1.36 -20.62 -13.56
CA GLY B 47 0.61 -21.35 -12.56
C GLY B 47 1.35 -22.26 -11.60
N GLU B 48 2.68 -22.26 -11.64
CA GLU B 48 3.45 -23.15 -10.76
C GLU B 48 4.65 -22.47 -10.09
N TRP B 49 4.96 -22.92 -8.88
CA TRP B 49 6.10 -22.39 -8.14
C TRP B 49 7.42 -23.03 -8.52
N ASP B 50 8.46 -22.23 -8.50
CA ASP B 50 9.81 -22.68 -8.82
C ASP B 50 10.18 -23.70 -7.76
N ALA B 51 11.27 -24.42 -7.96
CA ALA B 51 11.71 -25.42 -6.99
C ALA B 51 12.16 -24.72 -5.71
N GLY B 52 12.70 -23.52 -5.88
CA GLY B 52 13.20 -22.78 -4.74
C GLY B 52 14.70 -22.92 -4.80
N THR B 53 15.40 -21.80 -4.70
CA THR B 53 16.86 -21.83 -4.78
C THR B 53 17.53 -20.85 -3.82
N LEU B 54 18.64 -21.28 -3.23
CA LEU B 54 19.40 -20.45 -2.31
C LEU B 54 20.38 -19.58 -3.07
N THR B 55 20.48 -18.29 -2.73
CA THR B 55 21.45 -17.44 -3.42
C THR B 55 22.17 -16.40 -2.57
N GLU B 56 23.30 -15.94 -3.11
CA GLU B 56 24.17 -14.94 -2.47
C GLU B 56 23.77 -13.51 -2.81
N ASP B 57 22.92 -13.36 -3.82
CA ASP B 57 22.49 -12.05 -4.28
C ASP B 57 21.43 -11.37 -3.39
N ASN B 58 21.82 -10.30 -2.70
CA ASN B 58 20.92 -9.57 -1.82
C ASN B 58 20.20 -8.43 -2.57
N GLN B 59 20.25 -8.49 -3.89
CA GLN B 59 19.58 -7.51 -4.75
C GLN B 59 18.51 -8.20 -5.60
N ILE B 60 17.31 -7.64 -5.61
CA ILE B 60 16.22 -8.20 -6.39
C ILE B 60 16.10 -7.48 -7.74
N HIS B 61 15.70 -8.21 -8.78
CA HIS B 61 15.59 -7.63 -10.12
C HIS B 61 14.21 -7.87 -10.71
N LEU B 62 13.47 -6.79 -10.94
CA LEU B 62 12.13 -6.94 -11.51
C LEU B 62 11.81 -5.92 -12.59
N ALA B 63 10.74 -6.21 -13.33
CA ALA B 63 10.27 -5.36 -14.43
C ALA B 63 9.95 -3.94 -13.99
N GLU B 64 10.42 -2.96 -14.75
CA GLU B 64 10.18 -1.56 -14.42
C GLU B 64 8.72 -1.30 -14.09
N GLY B 65 7.82 -2.09 -14.66
CA GLY B 65 6.40 -1.89 -14.41
C GLY B 65 5.73 -2.92 -13.52
N SER B 66 6.53 -3.58 -12.68
CA SER B 66 6.00 -4.59 -11.77
C SER B 66 4.88 -4.07 -10.86
N THR B 67 3.93 -4.96 -10.55
CA THR B 67 2.80 -4.63 -9.67
C THR B 67 3.32 -4.32 -8.26
N ALA B 68 4.44 -4.91 -7.90
CA ALA B 68 5.01 -4.68 -6.57
C ALA B 68 5.57 -3.27 -6.44
N LEU B 69 5.92 -2.66 -7.57
CA LEU B 69 6.49 -1.32 -7.53
C LEU B 69 5.47 -0.21 -7.74
N HIS B 70 4.34 -0.52 -8.36
CA HIS B 70 3.33 0.49 -8.65
C HIS B 70 1.98 0.29 -7.97
N TYR B 71 1.57 -0.97 -7.83
CA TYR B 71 0.27 -1.27 -7.24
C TYR B 71 0.33 -1.97 -5.90
N GLY B 72 1.45 -1.83 -5.21
CA GLY B 72 1.60 -2.45 -3.90
C GLY B 72 1.22 -3.92 -3.81
N GLN B 73 1.45 -4.69 -4.86
CA GLN B 73 1.10 -6.11 -4.77
C GLN B 73 2.30 -6.76 -4.08
N GLN B 74 2.22 -6.81 -2.77
CA GLN B 74 3.30 -7.37 -1.97
C GLN B 74 2.81 -7.66 -0.54
N CYS B 75 3.38 -8.69 0.08
CA CYS B 75 3.02 -9.02 1.44
C CYS B 75 4.29 -9.63 2.03
N PHE B 76 4.38 -9.68 3.36
CA PHE B 76 5.56 -10.26 3.96
C PHE B 76 5.29 -10.84 5.35
N GLU B 77 6.30 -11.50 5.90
CA GLU B 77 6.17 -12.07 7.22
C GLU B 77 7.43 -11.78 8.03
N GLY B 78 7.33 -12.05 9.33
CA GLY B 78 8.46 -11.84 10.22
C GLY B 78 8.37 -12.85 11.34
N LEU B 79 9.47 -13.56 11.59
CA LEU B 79 9.53 -14.54 12.67
C LEU B 79 11.00 -14.78 12.97
N LYS B 80 11.30 -15.29 14.16
CA LYS B 80 12.67 -15.51 14.57
C LYS B 80 13.05 -16.95 14.89
N ALA B 81 14.37 -17.13 14.97
CA ALA B 81 15.02 -18.37 15.29
C ALA B 81 15.81 -18.01 16.53
N TYR B 82 15.84 -18.90 17.50
CA TYR B 82 16.56 -18.61 18.70
C TYR B 82 17.54 -19.71 19.05
N ARG B 83 18.64 -19.33 19.69
CA ARG B 83 19.63 -20.31 20.11
C ARG B 83 19.27 -20.68 21.54
N CYS B 84 19.16 -21.97 21.81
CA CYS B 84 18.83 -22.42 23.16
C CYS B 84 20.09 -22.65 23.95
N ALA B 85 19.95 -22.89 25.25
CA ALA B 85 21.08 -23.12 26.13
C ALA B 85 21.75 -24.45 25.79
N ASP B 86 20.95 -25.47 25.51
CA ASP B 86 21.51 -26.77 25.19
C ASP B 86 22.20 -26.81 23.84
N GLY B 87 22.13 -25.71 23.08
CA GLY B 87 22.78 -25.68 21.79
C GLY B 87 21.86 -25.81 20.59
N SER B 88 20.69 -26.41 20.78
CA SER B 88 19.73 -26.57 19.68
C SER B 88 19.18 -25.21 19.22
N ILE B 89 18.35 -25.20 18.18
CA ILE B 89 17.78 -23.96 17.65
C ILE B 89 16.26 -24.01 17.54
N ASN B 90 15.59 -22.93 17.96
CA ASN B 90 14.14 -22.86 17.92
C ASN B 90 13.59 -21.91 16.85
N LEU B 91 12.53 -22.36 16.18
CA LEU B 91 11.84 -21.56 15.20
C LEU B 91 10.43 -21.50 15.80
N PHE B 92 10.02 -20.30 16.22
CA PHE B 92 8.73 -20.07 16.88
C PHE B 92 7.48 -20.04 16.00
N ARG B 93 6.63 -21.05 16.13
CA ARG B 93 5.37 -21.16 15.39
C ARG B 93 5.39 -20.77 13.91
N PRO B 94 6.31 -21.37 13.13
CA PRO B 94 6.45 -21.10 11.70
C PRO B 94 5.14 -21.39 10.94
N ASP B 95 4.38 -22.34 11.46
CA ASP B 95 3.10 -22.74 10.84
C ASP B 95 2.10 -21.59 10.83
N GLN B 96 2.12 -20.80 11.89
CA GLN B 96 1.21 -19.67 12.00
C GLN B 96 1.53 -18.57 10.98
N ASN B 97 2.80 -18.34 10.73
CA ASN B 97 3.20 -17.32 9.76
C ASN B 97 2.79 -17.74 8.35
N ALA B 98 3.05 -19.00 8.01
CA ALA B 98 2.70 -19.50 6.68
C ALA B 98 1.19 -19.38 6.49
N ALA B 99 0.43 -19.62 7.55
CA ALA B 99 -1.03 -19.51 7.47
C ALA B 99 -1.44 -18.06 7.24
N ARG B 100 -0.83 -17.13 7.98
CA ARG B 100 -1.18 -15.73 7.81
C ARG B 100 -0.74 -15.21 6.41
N MET B 101 0.44 -15.61 5.96
CA MET B 101 0.91 -15.15 4.65
C MET B 101 -0.05 -15.59 3.56
N ARG B 102 -0.58 -16.79 3.73
CA ARG B 102 -1.52 -17.37 2.80
C ARG B 102 -2.75 -16.45 2.77
N MET B 103 -3.16 -15.95 3.92
CA MET B 103 -4.32 -15.07 3.96
C MET B 103 -3.98 -13.75 3.27
N SER B 104 -2.76 -13.25 3.47
CA SER B 104 -2.33 -12.00 2.85
C SER B 104 -2.29 -12.13 1.33
N CYS B 105 -1.75 -13.24 0.84
CA CYS B 105 -1.65 -13.47 -0.59
C CYS B 105 -3.03 -13.48 -1.24
N ARG B 106 -4.02 -14.05 -0.57
CA ARG B 106 -5.38 -14.12 -1.11
C ARG B 106 -6.00 -12.75 -1.32
N ARG B 107 -5.71 -11.84 -0.39
CA ARG B 107 -6.28 -10.50 -0.48
C ARG B 107 -5.68 -9.74 -1.65
N LEU B 108 -4.44 -10.06 -2.01
CA LEU B 108 -3.78 -9.39 -3.14
C LEU B 108 -3.75 -10.22 -4.41
N LEU B 109 -4.51 -11.32 -4.41
CA LEU B 109 -4.60 -12.22 -5.56
C LEU B 109 -3.27 -12.80 -5.97
N MET B 110 -2.43 -13.12 -5.00
CA MET B 110 -1.13 -13.69 -5.29
C MET B 110 -1.18 -15.19 -4.98
N PRO B 111 -0.34 -15.98 -5.65
CA PRO B 111 -0.35 -17.42 -5.37
C PRO B 111 0.10 -17.71 -3.93
N GLU B 112 -0.48 -18.74 -3.34
CA GLU B 112 -0.16 -19.11 -1.97
C GLU B 112 1.03 -20.06 -1.86
N LEU B 113 1.45 -20.27 -0.63
CA LEU B 113 2.56 -21.17 -0.33
C LEU B 113 2.12 -22.12 0.77
N SER B 114 2.29 -23.43 0.54
CA SER B 114 1.88 -24.41 1.53
C SER B 114 2.75 -24.27 2.78
N ASP B 115 2.26 -24.78 3.90
CA ASP B 115 3.01 -24.72 5.14
C ASP B 115 4.40 -25.33 4.87
N GLU B 116 4.42 -26.42 4.12
CA GLU B 116 5.65 -27.11 3.81
C GLU B 116 6.68 -26.24 3.09
N GLN B 117 6.29 -25.62 1.99
CA GLN B 117 7.19 -24.77 1.22
C GLN B 117 7.72 -23.65 2.10
N PHE B 118 6.80 -23.02 2.82
CA PHE B 118 7.12 -21.90 3.70
C PHE B 118 8.16 -22.25 4.77
N ILE B 119 7.92 -23.31 5.53
CA ILE B 119 8.89 -23.67 6.56
C ILE B 119 10.21 -24.11 5.95
N ASP B 120 10.14 -24.97 4.94
CA ASP B 120 11.35 -25.46 4.31
C ASP B 120 12.28 -24.33 3.88
N ALA B 121 11.71 -23.26 3.33
CA ALA B 121 12.54 -22.13 2.92
C ALA B 121 13.18 -21.51 4.17
N CYS B 122 12.41 -21.36 5.24
CA CYS B 122 12.92 -20.78 6.49
C CYS B 122 14.04 -21.61 7.11
N LEU B 123 13.88 -22.93 7.12
CA LEU B 123 14.91 -23.80 7.67
C LEU B 123 16.21 -23.70 6.85
N GLN B 124 16.09 -23.74 5.53
CA GLN B 124 17.27 -23.65 4.69
C GLN B 124 18.06 -22.38 5.02
N VAL B 125 17.36 -21.26 5.16
CA VAL B 125 18.04 -20.01 5.44
C VAL B 125 18.68 -20.01 6.83
N VAL B 126 17.97 -20.53 7.83
CA VAL B 126 18.54 -20.57 9.16
C VAL B 126 19.81 -21.45 9.14
N ARG B 127 19.67 -22.67 8.62
CA ARG B 127 20.81 -23.57 8.57
C ARG B 127 21.99 -23.02 7.78
N ALA B 128 21.70 -22.35 6.66
CA ALA B 128 22.78 -21.78 5.85
C ALA B 128 23.42 -20.55 6.49
N ASN B 129 22.77 -19.96 7.48
CA ASN B 129 23.34 -18.77 8.14
C ASN B 129 23.59 -18.94 9.63
N GLU B 130 23.55 -20.17 10.13
CA GLU B 130 23.77 -20.42 11.54
C GLU B 130 24.82 -19.55 12.23
N HIS B 131 25.90 -19.26 11.51
CA HIS B 131 26.97 -18.46 12.09
C HIS B 131 26.58 -17.03 12.37
N PHE B 132 25.33 -16.68 12.04
CA PHE B 132 24.80 -15.33 12.30
C PHE B 132 23.82 -15.37 13.47
N LEU B 133 23.52 -16.58 13.94
CA LEU B 133 22.60 -16.75 15.04
C LEU B 133 23.26 -16.30 16.34
N PRO B 134 22.77 -15.20 16.94
CA PRO B 134 23.34 -14.69 18.20
C PRO B 134 23.40 -15.81 19.24
N PRO B 135 24.51 -15.88 19.99
CA PRO B 135 24.70 -16.92 21.02
C PRO B 135 23.71 -16.72 22.18
N TYR B 136 23.28 -17.84 22.78
CA TYR B 136 22.34 -17.80 23.90
C TYR B 136 22.86 -16.95 25.06
N GLY B 137 22.04 -16.00 25.51
CA GLY B 137 22.44 -15.15 26.60
C GLY B 137 22.80 -13.75 26.14
N THR B 138 22.60 -13.50 24.85
CA THR B 138 22.87 -12.18 24.27
C THR B 138 21.54 -11.49 24.07
N GLY B 139 20.47 -12.26 24.29
CA GLY B 139 19.13 -11.73 24.12
C GLY B 139 18.86 -11.39 22.66
N GLY B 140 19.74 -11.84 21.79
CA GLY B 140 19.57 -11.56 20.37
C GLY B 140 18.98 -12.72 19.61
N SER B 141 18.70 -12.51 18.33
CA SER B 141 18.15 -13.59 17.54
C SER B 141 18.35 -13.36 16.06
N LEU B 142 17.90 -14.32 15.26
CA LEU B 142 18.00 -14.23 13.82
C LEU B 142 16.60 -13.96 13.29
N TYR B 143 16.42 -12.79 12.69
CA TYR B 143 15.13 -12.39 12.14
C TYR B 143 14.96 -12.87 10.71
N LEU B 144 13.83 -13.49 10.44
CA LEU B 144 13.56 -13.99 9.10
C LEU B 144 12.50 -13.11 8.45
N ARG B 145 12.78 -12.69 7.21
CA ARG B 145 11.85 -11.84 6.48
C ARG B 145 11.42 -12.47 5.16
N PRO B 146 10.37 -13.30 5.19
CA PRO B 146 9.85 -13.95 3.99
C PRO B 146 8.90 -12.97 3.32
N PHE B 147 8.84 -12.97 1.99
CA PHE B 147 7.92 -12.05 1.29
C PHE B 147 7.63 -12.48 -0.14
N VAL B 148 6.54 -11.94 -0.69
CA VAL B 148 6.12 -12.27 -2.04
C VAL B 148 5.75 -11.00 -2.81
N ILE B 149 6.29 -10.85 -4.02
CA ILE B 149 5.97 -9.68 -4.82
C ILE B 149 5.54 -9.98 -6.26
N GLY B 150 4.58 -9.21 -6.75
CA GLY B 150 4.13 -9.41 -8.11
C GLY B 150 5.13 -8.78 -9.06
N VAL B 151 5.59 -9.54 -10.06
CA VAL B 151 6.57 -9.01 -10.99
C VAL B 151 6.20 -9.30 -12.44
N GLY B 152 7.14 -9.10 -13.35
CA GLY B 152 6.87 -9.35 -14.76
C GLY B 152 6.26 -8.14 -15.44
N ASP B 153 6.70 -7.88 -16.68
CA ASP B 153 6.20 -6.73 -17.45
C ASP B 153 4.70 -6.54 -17.38
N ASN B 154 4.29 -5.38 -16.90
CA ASN B 154 2.87 -5.06 -16.78
C ASN B 154 2.66 -3.56 -16.90
N ILE B 155 1.41 -3.13 -16.92
CA ILE B 155 1.10 -1.72 -17.03
C ILE B 155 -0.28 -1.39 -16.44
N GLY B 156 -1.27 -2.25 -16.71
CA GLY B 156 -2.61 -1.98 -16.19
C GLY B 156 -2.83 -2.49 -14.78
N VAL B 157 -3.84 -1.95 -14.10
CA VAL B 157 -4.15 -2.37 -12.73
C VAL B 157 -4.75 -3.77 -12.76
N ARG B 158 -3.89 -4.77 -12.59
CA ARG B 158 -4.31 -6.17 -12.61
C ARG B 158 -3.29 -6.99 -11.81
N THR B 159 -3.63 -8.22 -11.46
CA THR B 159 -2.69 -9.05 -10.72
C THR B 159 -1.54 -9.38 -11.66
N ALA B 160 -0.33 -9.43 -11.12
CA ALA B 160 0.86 -9.71 -11.89
C ALA B 160 0.83 -11.06 -12.62
N PRO B 161 1.63 -11.19 -13.69
CA PRO B 161 1.70 -12.43 -14.47
C PRO B 161 2.65 -13.43 -13.80
N GLU B 162 3.60 -12.90 -13.03
CA GLU B 162 4.58 -13.70 -12.31
C GLU B 162 4.77 -13.18 -10.89
N PHE B 163 5.48 -13.94 -10.08
CA PHE B 163 5.75 -13.55 -8.69
C PHE B 163 7.07 -14.09 -8.19
N ILE B 164 7.54 -13.53 -7.08
CA ILE B 164 8.78 -13.96 -6.46
C ILE B 164 8.49 -14.23 -4.99
N PHE B 165 9.14 -15.25 -4.45
CA PHE B 165 9.01 -15.60 -3.05
C PHE B 165 10.43 -15.66 -2.52
N SER B 166 10.72 -14.84 -1.51
CA SER B 166 12.07 -14.82 -0.99
C SER B 166 12.11 -14.79 0.53
N VAL B 167 13.20 -15.33 1.07
CA VAL B 167 13.39 -15.35 2.50
C VAL B 167 14.82 -15.01 2.81
N PHE B 168 15.03 -13.88 3.48
CA PHE B 168 16.36 -13.49 3.90
C PHE B 168 16.32 -13.28 5.40
N CYS B 169 17.48 -13.38 6.06
CA CYS B 169 17.51 -13.21 7.49
C CYS B 169 18.50 -12.14 7.92
N VAL B 170 18.26 -11.60 9.11
CA VAL B 170 19.10 -10.55 9.67
C VAL B 170 19.22 -10.72 11.17
N PRO B 171 20.45 -10.81 11.69
CA PRO B 171 20.59 -10.96 13.15
C PRO B 171 20.14 -9.65 13.83
N VAL B 172 19.45 -9.76 14.97
CA VAL B 172 18.99 -8.56 15.69
C VAL B 172 18.94 -8.69 17.20
N GLY B 173 18.54 -7.58 17.82
CA GLY B 173 18.35 -7.47 19.26
C GLY B 173 17.01 -6.77 19.40
N PRO B 174 16.79 -5.94 20.43
CA PRO B 174 15.49 -5.24 20.59
C PRO B 174 15.13 -4.25 19.46
N TYR B 175 13.82 -4.09 19.25
CA TYR B 175 13.28 -3.19 18.22
C TYR B 175 13.00 -1.79 18.79
N PHE B 176 12.37 -1.74 19.95
CA PHE B 176 12.06 -0.48 20.62
C PHE B 176 13.10 -0.19 21.72
N LYS B 177 13.30 -1.14 22.63
CA LYS B 177 14.28 -0.96 23.71
C LYS B 177 14.80 -2.29 24.29
N GLY B 178 16.06 -2.28 24.70
CA GLY B 178 16.68 -3.47 25.26
C GLY B 178 16.37 -3.68 26.73
N GLY B 179 15.31 -4.43 26.99
CA GLY B 179 14.90 -4.69 28.36
C GLY B 179 13.41 -4.41 28.49
N LEU B 180 12.82 -4.72 29.64
CA LEU B 180 11.39 -4.47 29.83
C LEU B 180 11.15 -3.08 30.37
N THR B 181 11.64 -2.09 29.63
CA THR B 181 11.48 -0.70 30.03
C THR B 181 10.31 -0.13 29.24
N PRO B 182 9.38 0.54 29.92
CA PRO B 182 8.23 1.10 29.19
C PRO B 182 8.54 2.29 28.29
N THR B 183 7.68 2.49 27.30
CA THR B 183 7.83 3.59 26.37
C THR B 183 6.41 4.12 26.12
N ASN B 184 6.30 5.39 25.73
CA ASN B 184 5.00 6.01 25.54
C ASN B 184 4.49 6.03 24.10
N PHE B 185 3.17 6.13 23.96
CA PHE B 185 2.51 6.16 22.66
C PHE B 185 1.53 7.31 22.59
N ILE B 186 1.16 7.70 21.39
CA ILE B 186 0.24 8.82 21.19
C ILE B 186 -0.76 8.46 20.08
N THR B 187 -1.99 8.94 20.21
CA THR B 187 -3.02 8.68 19.21
C THR B 187 -2.85 9.65 18.03
N SER B 188 -3.41 9.29 16.88
CA SER B 188 -3.28 10.15 15.70
C SER B 188 -4.59 10.26 14.95
N ASP B 189 -4.79 11.37 14.24
CA ASP B 189 -6.01 11.53 13.47
C ASP B 189 -5.93 10.75 12.15
N TYR B 190 -4.73 10.28 11.83
CA TYR B 190 -4.49 9.49 10.61
C TYR B 190 -4.90 8.01 10.78
N ASP B 191 -5.12 7.31 9.66
CA ASP B 191 -5.49 5.89 9.73
C ASP B 191 -4.51 5.06 8.89
N ARG B 192 -4.02 3.95 9.43
CA ARG B 192 -3.13 3.08 8.68
C ARG B 192 -3.95 2.09 7.83
N ALA B 193 -5.26 2.08 8.04
CA ALA B 193 -6.13 1.18 7.28
C ALA B 193 -7.60 1.57 7.33
N ALA B 194 -8.34 1.21 6.29
CA ALA B 194 -9.77 1.52 6.21
C ALA B 194 -10.56 0.50 7.03
N PRO B 195 -11.84 0.82 7.35
CA PRO B 195 -12.62 -0.14 8.13
C PRO B 195 -12.70 -1.49 7.42
N HIS B 196 -12.84 -1.45 6.10
CA HIS B 196 -12.90 -2.68 5.31
C HIS B 196 -11.81 -2.64 4.25
N GLY B 197 -10.57 -2.54 4.70
CA GLY B 197 -9.44 -2.51 3.78
C GLY B 197 -8.49 -3.67 3.99
N THR B 198 -7.19 -3.39 3.93
CA THR B 198 -6.18 -4.43 4.10
C THR B 198 -5.58 -4.56 5.49
N GLY B 199 -6.33 -4.08 6.49
CA GLY B 199 -5.84 -4.15 7.85
C GLY B 199 -5.54 -5.56 8.34
N ALA B 200 -6.29 -6.54 7.87
CA ALA B 200 -6.08 -7.92 8.26
C ALA B 200 -4.87 -8.59 7.59
N ALA B 201 -4.35 -8.00 6.53
CA ALA B 201 -3.21 -8.58 5.83
C ALA B 201 -1.88 -7.84 6.01
N LYS B 202 -0.80 -8.60 6.14
CA LYS B 202 0.50 -7.99 6.30
C LYS B 202 0.99 -7.58 4.90
N VAL B 203 0.52 -6.42 4.44
CA VAL B 203 0.87 -5.89 3.13
C VAL B 203 1.45 -4.48 3.26
N GLY B 204 2.35 -4.14 2.33
CA GLY B 204 3.03 -2.85 2.32
C GLY B 204 2.20 -1.59 2.50
N GLY B 205 1.08 -1.51 1.77
CA GLY B 205 0.24 -0.34 1.87
C GLY B 205 -0.05 0.14 3.28
N ASN B 206 -0.37 -0.76 4.21
CA ASN B 206 -0.69 -0.37 5.58
C ASN B 206 0.48 0.35 6.28
N TYR B 207 1.71 -0.11 6.00
CA TYR B 207 2.89 0.50 6.60
C TYR B 207 3.19 1.85 5.94
N ALA B 208 2.96 1.94 4.63
CA ALA B 208 3.19 3.16 3.89
C ALA B 208 2.35 4.29 4.50
N ALA B 209 1.11 3.98 4.84
CA ALA B 209 0.22 4.95 5.43
C ALA B 209 0.65 5.39 6.83
N SER B 210 1.34 4.51 7.54
CA SER B 210 1.76 4.78 8.91
C SER B 210 3.09 5.51 8.99
N LEU B 211 3.68 5.76 7.83
CA LEU B 211 4.96 6.43 7.78
C LEU B 211 4.90 7.83 8.39
N LEU B 212 4.03 8.67 7.83
CA LEU B 212 3.88 10.04 8.31
C LEU B 212 3.47 10.13 9.78
N PRO B 213 2.44 9.38 10.19
CA PRO B 213 2.13 9.54 11.62
C PRO B 213 3.23 9.06 12.58
N GLY B 214 3.85 7.93 12.27
CA GLY B 214 4.90 7.41 13.13
C GLY B 214 6.04 8.40 13.27
N TYR B 215 6.34 9.06 12.15
CA TYR B 215 7.40 10.06 12.07
C TYR B 215 7.10 11.23 13.01
N GLU B 216 5.87 11.70 12.99
CA GLU B 216 5.47 12.80 13.85
C GLU B 216 5.50 12.42 15.32
N ALA B 217 5.11 11.18 15.64
CA ALA B 217 5.13 10.73 17.02
C ALA B 217 6.58 10.57 17.49
N LYS B 218 7.44 10.06 16.60
CA LYS B 218 8.85 9.89 16.95
C LYS B 218 9.52 11.25 17.15
N LYS B 219 9.10 12.22 16.35
CA LYS B 219 9.64 13.58 16.44
C LYS B 219 9.26 14.24 17.77
N ARG B 220 8.19 13.75 18.40
CA ARG B 220 7.76 14.31 19.67
C ARG B 220 8.18 13.44 20.87
N ASP B 221 9.09 12.50 20.62
CA ASP B 221 9.59 11.61 21.66
C ASP B 221 8.73 10.40 22.04
N PHE B 222 7.71 10.10 21.24
CA PHE B 222 6.87 8.93 21.50
C PHE B 222 7.41 7.75 20.69
N ALA B 223 7.29 6.54 21.22
CA ALA B 223 7.80 5.36 20.54
C ALA B 223 7.09 5.10 19.22
N ASP B 224 5.78 5.33 19.19
CA ASP B 224 5.02 5.10 17.97
C ASP B 224 3.60 5.60 18.18
N VAL B 225 2.81 5.50 17.12
CA VAL B 225 1.42 5.93 17.17
C VAL B 225 0.49 4.81 17.62
N ILE B 226 -0.61 5.18 18.27
CA ILE B 226 -1.61 4.20 18.65
C ILE B 226 -2.80 4.59 17.79
N TYR B 227 -3.24 3.65 16.95
CA TYR B 227 -4.35 3.92 16.05
C TYR B 227 -5.70 3.52 16.62
N LEU B 228 -6.68 4.37 16.36
CA LEU B 228 -8.04 4.14 16.79
C LEU B 228 -8.79 3.59 15.59
N ASP B 229 -10.01 3.13 15.83
CA ASP B 229 -10.82 2.56 14.76
C ASP B 229 -11.16 3.64 13.72
N PRO B 230 -10.97 3.31 12.43
CA PRO B 230 -11.24 4.22 11.32
C PRO B 230 -12.74 4.51 11.34
N ALA B 231 -13.10 5.78 11.21
CA ALA B 231 -14.52 6.17 11.26
C ALA B 231 -14.95 6.04 12.71
N THR B 232 -15.16 7.17 13.36
CA THR B 232 -15.56 7.22 14.76
C THR B 232 -14.41 6.83 15.68
N HIS B 233 -13.25 7.43 15.45
CA HIS B 233 -12.06 7.18 16.25
C HIS B 233 -12.40 7.13 17.73
N THR B 234 -12.85 5.98 18.23
CA THR B 234 -13.21 5.87 19.62
C THR B 234 -12.68 4.59 20.27
N THR B 235 -12.24 3.65 19.45
CA THR B 235 -11.74 2.38 19.97
C THR B 235 -10.29 2.08 19.56
N ILE B 236 -9.52 1.53 20.49
CA ILE B 236 -8.12 1.20 20.21
C ILE B 236 -7.97 0.08 19.20
N GLU B 237 -7.13 0.32 18.22
CA GLU B 237 -6.88 -0.65 17.15
C GLU B 237 -5.55 -1.37 17.32
N GLU B 238 -4.45 -0.66 17.05
CA GLU B 238 -3.09 -1.21 17.11
C GLU B 238 -2.05 -0.14 17.31
N ALA B 239 -0.77 -0.55 17.32
CA ALA B 239 0.35 0.39 17.48
C ALA B 239 1.12 0.64 16.18
N GLY B 240 0.79 -0.06 15.11
CA GLY B 240 1.51 0.16 13.87
C GLY B 240 2.60 -0.88 13.61
N ALA B 241 3.15 -1.44 14.68
CA ALA B 241 4.18 -2.46 14.54
C ALA B 241 3.94 -3.53 15.61
N ALA B 242 2.78 -3.45 16.26
CA ALA B 242 2.45 -4.40 17.31
C ALA B 242 0.97 -4.35 17.69
N ASN B 243 0.49 -5.37 18.37
CA ASN B 243 -0.91 -5.39 18.82
C ASN B 243 -0.94 -4.74 20.21
N PHE B 244 -2.12 -4.37 20.66
CA PHE B 244 -2.31 -3.75 21.97
C PHE B 244 -3.08 -4.66 22.91
N PHE B 245 -2.66 -4.70 24.17
CA PHE B 245 -3.35 -5.50 25.17
C PHE B 245 -3.32 -4.72 26.49
N ALA B 246 -4.23 -5.05 27.39
CA ALA B 246 -4.24 -4.34 28.66
C ALA B 246 -4.76 -5.26 29.74
N ILE B 247 -4.36 -5.00 30.98
CA ILE B 247 -4.81 -5.81 32.09
C ILE B 247 -5.74 -5.01 33.03
N THR B 248 -6.83 -5.67 33.43
CA THR B 248 -7.82 -5.10 34.33
C THR B 248 -7.19 -4.56 35.60
N GLN B 249 -7.85 -3.60 36.24
CA GLN B 249 -7.35 -3.00 37.48
C GLN B 249 -7.10 -4.02 38.58
N ASP B 250 -7.88 -5.11 38.61
CA ASP B 250 -7.67 -6.12 39.63
C ASP B 250 -6.60 -7.12 39.17
N GLY B 251 -6.06 -6.87 37.97
CA GLY B 251 -5.03 -7.73 37.43
C GLY B 251 -5.47 -9.17 37.24
N GLN B 252 -6.74 -9.37 36.92
CA GLN B 252 -7.28 -10.70 36.73
C GLN B 252 -7.73 -10.97 35.30
N LYS B 253 -7.82 -9.92 34.48
CA LYS B 253 -8.31 -10.07 33.10
C LYS B 253 -7.41 -9.44 32.02
N PHE B 254 -7.08 -10.24 31.01
CA PHE B 254 -6.26 -9.85 29.87
C PHE B 254 -7.21 -9.42 28.76
N VAL B 255 -7.16 -8.15 28.36
CA VAL B 255 -8.03 -7.62 27.31
C VAL B 255 -7.32 -7.10 26.04
N THR B 256 -7.83 -7.44 24.87
CA THR B 256 -7.25 -7.00 23.58
C THR B 256 -8.35 -6.73 22.55
N PRO B 257 -8.22 -5.63 21.78
CA PRO B 257 -9.21 -5.27 20.77
C PRO B 257 -9.43 -6.31 19.70
N GLN B 258 -10.70 -6.51 19.35
CA GLN B 258 -11.08 -7.45 18.32
C GLN B 258 -11.62 -6.59 17.19
N SER B 259 -10.93 -6.61 16.07
CA SER B 259 -11.31 -5.79 14.92
C SER B 259 -10.96 -6.46 13.62
N PRO B 260 -11.74 -6.21 12.56
CA PRO B 260 -11.51 -6.80 11.24
C PRO B 260 -10.37 -6.06 10.52
N SER B 261 -9.94 -4.93 11.09
CA SER B 261 -8.88 -4.14 10.48
C SER B 261 -7.51 -4.17 11.18
N ILE B 262 -7.38 -4.96 12.23
CA ILE B 262 -6.07 -5.05 12.89
C ILE B 262 -5.40 -6.33 12.43
N LEU B 263 -4.07 -6.34 12.47
CA LEU B 263 -3.30 -7.50 12.04
C LEU B 263 -3.43 -8.61 13.08
N PRO B 264 -3.70 -9.85 12.63
CA PRO B 264 -3.82 -10.93 13.61
C PRO B 264 -2.43 -11.38 14.08
N SER B 265 -1.93 -10.67 15.07
CA SER B 265 -0.62 -10.89 15.68
C SER B 265 -0.44 -12.29 16.25
N ILE B 266 0.63 -12.95 15.82
CA ILE B 266 0.95 -14.31 16.29
C ILE B 266 1.36 -14.26 17.76
N THR B 267 2.02 -13.17 18.13
CA THR B 267 2.49 -12.97 19.50
C THR B 267 1.27 -12.68 20.39
N LYS B 268 0.26 -12.03 19.82
CA LYS B 268 -0.96 -11.69 20.56
C LYS B 268 -1.76 -12.96 20.87
N TYR B 269 -1.93 -13.83 19.88
CA TYR B 269 -2.66 -15.05 20.13
C TYR B 269 -1.88 -15.92 21.11
N SER B 270 -0.56 -15.89 21.01
CA SER B 270 0.27 -16.67 21.93
C SER B 270 0.09 -16.15 23.38
N LEU B 271 0.04 -14.84 23.54
CA LEU B 271 -0.13 -14.28 24.87
C LEU B 271 -1.50 -14.69 25.40
N LEU B 272 -2.49 -14.61 24.52
CA LEU B 272 -3.87 -14.96 24.84
C LEU B 272 -3.93 -16.38 25.40
N TRP B 273 -3.13 -17.26 24.82
CA TRP B 273 -3.09 -18.65 25.25
C TRP B 273 -2.39 -18.79 26.58
N LEU B 274 -1.21 -18.16 26.70
CA LEU B 274 -0.42 -18.21 27.92
C LEU B 274 -1.11 -17.61 29.14
N ALA B 275 -1.82 -16.51 28.93
CA ALA B 275 -2.54 -15.87 30.03
C ALA B 275 -3.58 -16.83 30.58
N GLU B 276 -4.33 -17.50 29.70
CA GLU B 276 -5.36 -18.43 30.13
C GLU B 276 -4.80 -19.68 30.80
N HIS B 277 -3.80 -20.30 30.19
CA HIS B 277 -3.20 -21.50 30.77
C HIS B 277 -1.76 -21.19 31.18
N ARG B 278 -1.38 -21.56 32.40
CA ARG B 278 -0.02 -21.31 32.87
C ARG B 278 0.17 -19.92 33.47
N LEU B 279 -0.91 -19.13 33.48
CA LEU B 279 -0.88 -17.78 34.05
C LEU B 279 -2.18 -17.57 34.85
N GLY B 280 -3.20 -18.37 34.53
CA GLY B 280 -4.47 -18.31 35.22
C GLY B 280 -5.28 -17.01 35.25
N LEU B 281 -5.36 -16.32 34.13
CA LEU B 281 -6.11 -15.07 34.03
C LEU B 281 -7.28 -15.34 33.12
N GLU B 282 -8.31 -14.49 33.19
CA GLU B 282 -9.43 -14.66 32.28
C GLU B 282 -9.04 -13.83 31.05
N VAL B 283 -9.55 -14.22 29.89
CA VAL B 283 -9.19 -13.55 28.65
C VAL B 283 -10.36 -12.92 27.93
N GLU B 284 -10.11 -11.78 27.29
CA GLU B 284 -11.16 -11.11 26.57
C GLU B 284 -10.70 -10.38 25.31
N GLU B 285 -11.39 -10.64 24.21
CA GLU B 285 -11.11 -10.00 22.94
C GLU B 285 -12.32 -9.12 22.66
N GLY B 286 -12.23 -7.86 23.05
CA GLY B 286 -13.35 -6.97 22.83
C GLY B 286 -12.93 -5.57 22.44
N ASP B 287 -13.72 -4.60 22.87
CA ASP B 287 -13.42 -3.21 22.54
C ASP B 287 -12.80 -2.49 23.71
N ILE B 288 -11.95 -1.52 23.40
CA ILE B 288 -11.29 -0.73 24.42
C ILE B 288 -11.32 0.70 23.91
N ARG B 289 -12.21 1.52 24.46
CA ARG B 289 -12.28 2.90 24.02
C ARG B 289 -11.20 3.67 24.75
N ILE B 290 -10.64 4.69 24.09
CA ILE B 290 -9.58 5.47 24.71
C ILE B 290 -10.06 6.28 25.88
N ASP B 291 -11.36 6.50 25.99
CA ASP B 291 -11.90 7.28 27.10
C ASP B 291 -12.04 6.46 28.39
N GLU B 292 -11.71 5.17 28.32
CA GLU B 292 -11.82 4.31 29.50
C GLU B 292 -10.51 3.61 29.86
N LEU B 293 -9.39 4.28 29.60
CA LEU B 293 -8.09 3.70 29.92
C LEU B 293 -7.92 3.52 31.43
N GLY B 294 -8.88 4.07 32.19
CA GLY B 294 -8.81 3.98 33.64
C GLY B 294 -9.29 2.63 34.15
N LYS B 295 -9.84 1.83 33.25
CA LYS B 295 -10.32 0.50 33.60
C LYS B 295 -9.14 -0.47 33.65
N PHE B 296 -7.94 -0.01 33.29
CA PHE B 296 -6.78 -0.89 33.25
C PHE B 296 -5.59 -0.54 34.15
N SER B 297 -5.04 -1.56 34.81
CA SER B 297 -3.90 -1.36 35.70
C SER B 297 -2.56 -1.37 34.96
N GLU B 298 -2.54 -1.98 33.77
CA GLU B 298 -1.33 -1.99 32.95
C GLU B 298 -1.63 -2.28 31.48
N ALA B 299 -0.79 -1.78 30.57
CA ALA B 299 -0.99 -2.01 29.14
C ALA B 299 0.32 -2.24 28.40
N GLY B 300 0.22 -2.86 27.22
CA GLY B 300 1.41 -3.13 26.44
C GLY B 300 1.14 -3.36 24.97
N ALA B 301 2.24 -3.38 24.21
CA ALA B 301 2.19 -3.59 22.76
C ALA B 301 2.93 -4.88 22.55
N CYS B 302 2.42 -5.74 21.68
CA CYS B 302 3.08 -7.02 21.45
C CYS B 302 3.32 -7.34 19.97
N GLY B 303 4.38 -8.09 19.71
CA GLY B 303 4.72 -8.46 18.34
C GLY B 303 6.05 -9.19 18.27
N THR B 304 6.35 -9.80 17.12
CA THR B 304 7.61 -10.52 16.96
C THR B 304 8.81 -9.62 17.27
N ALA B 305 8.82 -8.43 16.68
CA ALA B 305 9.92 -7.50 16.92
C ALA B 305 9.87 -6.99 18.35
N ALA B 306 8.68 -6.61 18.78
CA ALA B 306 8.48 -6.06 20.11
C ALA B 306 8.61 -7.08 21.25
N VAL B 307 7.98 -8.24 21.10
CA VAL B 307 7.99 -9.25 22.15
C VAL B 307 7.61 -8.49 23.40
N ILE B 308 6.45 -7.88 23.37
CA ILE B 308 5.96 -7.04 24.47
C ILE B 308 6.76 -5.84 24.91
N THR B 309 6.26 -4.67 24.55
CA THR B 309 6.83 -3.40 24.92
C THR B 309 5.81 -2.83 25.92
N PRO B 310 6.19 -2.64 27.20
CA PRO B 310 5.21 -2.10 28.14
C PRO B 310 4.88 -0.67 27.72
N ILE B 311 3.60 -0.30 27.84
CA ILE B 311 3.18 1.05 27.48
C ILE B 311 3.33 1.90 28.73
N GLY B 312 4.23 2.87 28.68
CA GLY B 312 4.45 3.74 29.82
C GLY B 312 3.23 4.60 30.05
N GLY B 313 2.78 5.25 28.98
CA GLY B 313 1.62 6.11 29.07
C GLY B 313 1.15 6.50 27.67
N ILE B 314 -0.16 6.61 27.50
CA ILE B 314 -0.72 6.98 26.21
C ILE B 314 -1.15 8.45 26.22
N GLN B 315 -0.80 9.16 25.15
CA GLN B 315 -1.15 10.57 25.02
C GLN B 315 -2.35 10.71 24.08
N HIS B 316 -3.43 11.32 24.58
CA HIS B 316 -4.60 11.52 23.73
C HIS B 316 -4.98 12.99 23.80
N GLY B 317 -4.61 13.75 22.77
CA GLY B 317 -4.89 15.16 22.79
C GLY B 317 -4.06 15.82 23.88
N ASP B 318 -4.71 16.22 24.96
CA ASP B 318 -4.02 16.88 26.08
C ASP B 318 -3.86 15.99 27.31
N ASP B 319 -4.53 14.85 27.30
CA ASP B 319 -4.46 13.92 28.40
C ASP B 319 -3.30 12.94 28.24
N PHE B 320 -2.49 12.81 29.28
CA PHE B 320 -1.40 11.85 29.28
C PHE B 320 -1.74 10.88 30.39
N HIS B 321 -2.20 9.70 30.00
CA HIS B 321 -2.60 8.68 30.95
C HIS B 321 -1.52 7.64 31.23
N VAL B 322 -1.16 7.46 32.50
CA VAL B 322 -0.14 6.48 32.85
C VAL B 322 -0.73 5.34 33.66
N PHE B 323 -0.86 4.18 33.03
CA PHE B 323 -1.43 3.01 33.69
C PHE B 323 -0.73 2.54 34.97
N TYR B 324 0.60 2.45 34.94
CA TYR B 324 1.33 1.93 36.08
C TYR B 324 2.56 2.73 36.41
N SER B 325 3.47 2.78 35.44
CA SER B 325 4.71 3.50 35.62
C SER B 325 5.29 3.92 34.29
N GLU B 326 6.06 5.00 34.31
CA GLU B 326 6.67 5.48 33.09
C GLU B 326 8.07 4.88 32.96
N SER B 327 8.50 4.18 34.00
CA SER B 327 9.83 3.60 33.99
C SER B 327 9.90 2.11 34.33
N GLU B 328 8.85 1.60 34.97
CA GLU B 328 8.81 0.20 35.35
C GLU B 328 7.63 -0.50 34.72
N PRO B 329 7.79 -1.79 34.38
CA PRO B 329 6.68 -2.53 33.78
C PRO B 329 5.77 -3.18 34.84
N GLY B 330 4.50 -3.36 34.49
CA GLY B 330 3.56 -3.98 35.40
C GLY B 330 3.93 -5.40 35.73
N PRO B 331 3.47 -5.92 36.87
CA PRO B 331 3.78 -7.30 37.27
C PRO B 331 3.20 -8.41 36.41
N VAL B 332 2.02 -8.20 35.85
CA VAL B 332 1.44 -9.23 34.99
C VAL B 332 2.23 -9.25 33.69
N THR B 333 2.55 -8.04 33.19
CA THR B 333 3.32 -7.91 31.96
C THR B 333 4.64 -8.66 32.10
N ARG B 334 5.32 -8.51 33.24
CA ARG B 334 6.57 -9.21 33.42
C ARG B 334 6.30 -10.72 33.36
N ARG B 335 5.21 -11.17 33.99
CA ARG B 335 4.85 -12.59 33.98
C ARG B 335 4.60 -13.15 32.57
N LEU B 336 3.88 -12.39 31.76
CA LEU B 336 3.60 -12.77 30.38
C LEU B 336 4.89 -12.79 29.57
N TYR B 337 5.68 -11.74 29.75
CA TYR B 337 6.94 -11.61 29.06
C TYR B 337 7.88 -12.77 29.36
N ASP B 338 8.20 -12.97 30.63
CA ASP B 338 9.09 -14.04 31.06
C ASP B 338 8.69 -15.43 30.57
N GLU B 339 7.39 -15.64 30.36
CA GLU B 339 6.87 -16.93 29.92
C GLU B 339 7.05 -17.12 28.42
N LEU B 340 6.65 -16.12 27.65
CA LEU B 340 6.78 -16.19 26.21
C LEU B 340 8.25 -16.29 25.77
N VAL B 341 9.10 -15.50 26.40
CA VAL B 341 10.51 -15.51 26.05
C VAL B 341 11.18 -16.81 26.50
N GLY B 342 10.77 -17.31 27.67
CA GLY B 342 11.32 -18.56 28.18
C GLY B 342 11.03 -19.69 27.20
N ILE B 343 9.84 -19.69 26.63
CA ILE B 343 9.45 -20.71 25.67
C ILE B 343 10.31 -20.59 24.40
N GLN B 344 10.40 -19.36 23.88
CA GLN B 344 11.17 -19.07 22.67
C GLN B 344 12.61 -19.56 22.70
N TYR B 345 13.31 -19.33 23.80
CA TYR B 345 14.71 -19.73 23.93
C TYR B 345 14.93 -21.11 24.54
N GLY B 346 13.86 -21.85 24.79
CA GLY B 346 14.00 -23.18 25.35
C GLY B 346 14.22 -23.30 26.84
N ASP B 347 13.90 -22.26 27.60
CA ASP B 347 14.07 -22.35 29.04
C ASP B 347 12.80 -22.85 29.72
N LYS B 348 11.64 -22.55 29.11
CA LYS B 348 10.36 -23.00 29.66
C LYS B 348 9.72 -24.02 28.72
N GLU B 349 8.81 -24.82 29.24
CA GLU B 349 8.16 -25.85 28.44
C GLU B 349 7.31 -25.29 27.30
N ALA B 350 7.59 -25.73 26.08
CA ALA B 350 6.85 -25.26 24.92
C ALA B 350 5.51 -25.98 24.77
N PRO B 351 4.42 -25.22 24.61
CA PRO B 351 3.14 -25.92 24.45
C PRO B 351 3.13 -26.68 23.14
N GLU B 352 2.29 -27.71 23.05
CA GLU B 352 2.18 -28.56 21.87
C GLU B 352 2.21 -27.88 20.51
N GLY B 353 3.24 -28.19 19.72
CA GLY B 353 3.35 -27.66 18.38
C GLY B 353 3.87 -26.25 18.18
N TRP B 354 4.32 -25.60 19.25
CA TRP B 354 4.84 -24.25 19.11
C TRP B 354 6.26 -24.16 18.59
N ILE B 355 7.17 -24.98 19.12
CA ILE B 355 8.55 -24.93 18.65
C ILE B 355 8.91 -25.94 17.57
N VAL B 356 9.71 -25.50 16.62
CA VAL B 356 10.21 -26.36 15.55
C VAL B 356 11.72 -26.31 15.71
N LYS B 357 12.34 -27.45 15.92
CA LYS B 357 13.79 -27.53 16.11
C LYS B 357 14.53 -27.53 14.79
N VAL B 358 15.45 -26.58 14.63
CA VAL B 358 16.21 -26.48 13.40
C VAL B 358 17.45 -27.38 13.40
N1 PLP C . -8.53 7.99 -9.22
C2 PLP C . -7.68 6.90 -9.19
C2A PLP C . -7.74 5.96 -7.99
C3 PLP C . -6.80 6.72 -10.28
O3 PLP C . -5.95 5.66 -10.27
C4 PLP C . -6.78 7.66 -11.38
C4A PLP C . -5.75 7.39 -12.56
C5 PLP C . -7.70 8.80 -11.32
C6 PLP C . -8.56 8.92 -10.25
C5A PLP C . -7.83 9.88 -12.35
O4P PLP C . -6.80 10.82 -12.31
P PLP C . -6.19 11.43 -13.65
O1P PLP C . -5.59 10.39 -14.52
O2P PLP C . -5.10 12.40 -13.05
O3P PLP C . -7.25 12.33 -14.25
N1 PLP D . 0.66 -5.38 13.88
C2 PLP D . 1.46 -4.78 12.94
C2A PLP D . 0.90 -3.60 12.15
C3 PLP D . 2.78 -5.29 12.74
O3 PLP D . 3.59 -4.71 11.82
C4 PLP D . 3.26 -6.41 13.53
C4A PLP D . 4.74 -6.93 13.26
C5 PLP D . 2.33 -7.00 14.52
C6 PLP D . 1.06 -6.46 14.66
C5A PLP D . 2.63 -8.16 15.42
O4P PLP D . 2.41 -9.41 14.84
P PLP D . 3.30 -10.65 15.26
O1P PLP D . 4.69 -10.40 14.96
O2P PLP D . 2.71 -11.76 14.35
O3P PLP D . 2.95 -11.02 16.66
#